data_6D59
#
_entry.id   6D59
#
_cell.length_a   184.107
_cell.length_b   184.107
_cell.length_c   179.426
_cell.angle_alpha   90.00
_cell.angle_beta   90.00
_cell.angle_gamma   90.00
#
_symmetry.space_group_name_H-M   'I 4 2 2'
#
loop_
_entity.id
_entity.type
_entity.pdbx_description
1 polymer 'GTPase HRas'
2 polymer 'Son of sevenless homolog 1'
3 polymer 'GTPase HRas'
4 non-polymer 'PHOSPHOAMINOPHOSPHONIC ACID-GUANYLATE ESTER'
5 non-polymer 'MAGNESIUM ION'
6 non-polymer 6-chloro-4-(3,5-dimethyl-1H-pyrazol-4-yl)-1-[(4-fluoro-3,5-dimethylphenyl)methyl]-2-(piperazin-1-yl)-1H-benzimidazole
7 non-polymer 'FORMIC ACID'
8 non-polymer GLYCEROL
9 non-polymer 'SODIUM ION'
10 water water
#
loop_
_entity_poly.entity_id
_entity_poly.type
_entity_poly.pdbx_seq_one_letter_code
_entity_poly.pdbx_strand_id
1 'polypeptide(L)'
;GMTEYKLVVVGAGGVGKSALTIQLIQNHFVDEYDPTIEDSYRKQVVIDGET(CSO)LLDILDTAGQEEASAMRDQYMRTG
EGFLCVFAINNTKSFEDIHQYREQIKRVKDSDDVPMVLVGNKCDLAARTVESRQAQDLARSYGIPYIETSAKTRQGVEDA
FYTLVREIRQH
;
A
2 'polypeptide(L)'
;GQMRLPSADVYRFAEPDSEENIIFEENMQPKAGIPIIKAGTVIKLIERLTYHMYADPNFVRTFLTTYRSFCKPQELLSLI
IERFEIPEPEPTEADRIAIENGDQPLSAELKRFRKEYIQPVQLRVLNVCRHWVEHHFYDFERDAYLLQRMEEFIGTVRGK
AMKKWVESITKIIQRKKIARDNGPGHNITFQSSPPTVEWHISRPGHIETFDLLTLHPIEIARQLTLLESDLYRAVQPSEL
VGSVWTKEDKEINSPNLLKMIRHTTNLTLWFEKCIVETENLEERVAVVSRIIEILQVFQELNNFNGVLEVVSAMNSSPVY
RLDHTFEQIPSRQKKILEEAHELSEDHYKKYLAKLRSINPPCVPFFGIYLTNILKTEEGNPEVLKRHGKELINFSKRRKV
AEITGEIQQYQNQPYCLRVESDIKRFFENLNPMGNSMEKEFTDYLFNKSLEIEPRNPKPLPRFPKKYSYPLKSPGVRPSN
PR
;
B
3 'polypeptide(L)'
;GMTEYKLVVVGAGGVGKSALTIQLIQNHFVDEYDPTIEDSYRKQVVIDGETCLLDILDTAGQEEYSAMRDQYMRTGEGFL
CVFAINNTKSFEDIHQYREQIKRVKDSDDVPMVLVGNKCDLAARTVESRQAQDLARSYGIPYIETSAKTRQGVEDAFYTL
VREIRQH
;
C
#
# COMPACT_ATOMS: atom_id res chain seq x y z
N MET A 2 -1.20 16.10 8.23
CA MET A 2 -2.49 15.50 7.88
C MET A 2 -3.33 15.23 9.12
N THR A 3 -4.47 15.90 9.22
CA THR A 3 -5.41 15.63 10.28
C THR A 3 -6.29 14.46 9.90
N GLU A 4 -6.56 13.58 10.87
CA GLU A 4 -7.42 12.42 10.65
C GLU A 4 -8.82 12.71 11.20
N TYR A 5 -9.84 12.32 10.44
CA TYR A 5 -11.25 12.52 10.82
C TYR A 5 -11.97 11.19 10.79
N LYS A 6 -12.67 10.86 11.88
CA LYS A 6 -13.43 9.61 11.97
C LYS A 6 -14.90 9.90 11.68
N LEU A 7 -15.35 9.54 10.47
CA LEU A 7 -16.73 9.74 10.06
C LEU A 7 -17.47 8.41 10.13
N VAL A 8 -18.74 8.47 10.50
CA VAL A 8 -19.59 7.29 10.60
C VAL A 8 -20.87 7.55 9.81
N VAL A 9 -21.27 6.58 8.98
CA VAL A 9 -22.46 6.70 8.14
C VAL A 9 -23.55 5.82 8.74
N VAL A 10 -24.68 6.41 9.13
CA VAL A 10 -25.76 5.68 9.81
C VAL A 10 -27.10 5.95 9.14
N GLY A 11 -28.07 5.08 9.43
CA GLY A 11 -29.39 5.20 8.85
C GLY A 11 -30.03 3.84 8.55
N ALA A 12 -31.30 3.86 8.17
CA ALA A 12 -32.07 2.63 8.01
C ALA A 12 -31.51 1.76 6.89
N GLY A 13 -31.86 0.47 6.94
CA GLY A 13 -31.40 -0.45 5.93
C GLY A 13 -31.89 -0.06 4.54
N GLY A 14 -30.98 -0.12 3.57
CA GLY A 14 -31.32 0.10 2.18
C GLY A 14 -31.36 1.54 1.70
N VAL A 15 -30.99 2.50 2.54
CA VAL A 15 -31.11 3.89 2.12
C VAL A 15 -29.96 4.33 1.22
N GLY A 16 -28.89 3.55 1.15
CA GLY A 16 -27.76 3.85 0.29
C GLY A 16 -26.50 4.29 1.02
N LYS A 17 -26.32 3.92 2.29
CA LYS A 17 -25.10 4.28 3.01
C LYS A 17 -23.87 3.73 2.32
N SER A 18 -23.91 2.44 1.95
CA SER A 18 -22.75 1.83 1.31
C SER A 18 -22.55 2.39 -0.09
N ALA A 19 -23.63 2.58 -0.86
CA ALA A 19 -23.45 3.13 -2.19
C ALA A 19 -22.86 4.54 -2.14
N LEU A 20 -23.30 5.36 -1.18
CA LEU A 20 -22.72 6.70 -1.02
C LEU A 20 -21.23 6.61 -0.73
N THR A 21 -20.85 5.73 0.20
CA THR A 21 -19.45 5.61 0.60
C THR A 21 -18.58 5.11 -0.55
N ILE A 22 -19.05 4.08 -1.26
CA ILE A 22 -18.24 3.54 -2.38
C ILE A 22 -18.17 4.53 -3.54
N GLN A 23 -19.23 5.32 -3.77
CA GLN A 23 -19.12 6.39 -4.77
C GLN A 23 -18.04 7.39 -4.38
N LEU A 24 -18.02 7.82 -3.11
CA LEU A 24 -16.97 8.72 -2.63
C LEU A 24 -15.58 8.11 -2.78
N ILE A 25 -15.42 6.84 -2.41
CA ILE A 25 -14.10 6.24 -2.33
C ILE A 25 -13.60 5.85 -3.72
N GLN A 26 -14.46 5.25 -4.54
CA GLN A 26 -14.05 4.61 -5.78
C GLN A 26 -14.63 5.22 -7.05
N ASN A 27 -15.53 6.20 -6.93
CA ASN A 27 -16.24 6.79 -8.08
C ASN A 27 -17.06 5.74 -8.85
N HIS A 28 -17.62 4.77 -8.13
CA HIS A 28 -18.36 3.66 -8.71
C HIS A 28 -19.70 3.53 -7.99
N PHE A 29 -20.77 3.26 -8.75
CA PHE A 29 -22.10 3.05 -8.16
C PHE A 29 -22.41 1.57 -8.05
N VAL A 30 -22.71 1.12 -6.83
CA VAL A 30 -23.02 -0.29 -6.58
C VAL A 30 -24.51 -0.52 -6.78
N ASP A 31 -24.86 -1.40 -7.71
CA ASP A 31 -26.26 -1.71 -7.97
C ASP A 31 -26.82 -2.74 -7.00
N GLU A 32 -25.97 -3.64 -6.52
CA GLU A 32 -26.42 -4.68 -5.62
C GLU A 32 -26.77 -4.09 -4.26
N TYR A 33 -27.65 -4.79 -3.56
CA TYR A 33 -28.07 -4.47 -2.20
C TYR A 33 -27.54 -5.63 -1.35
N ASP A 34 -26.33 -5.46 -0.82
CA ASP A 34 -25.67 -6.44 0.05
C ASP A 34 -25.64 -5.85 1.46
N PRO A 35 -26.51 -6.28 2.36
CA PRO A 35 -26.59 -5.60 3.68
C PRO A 35 -25.27 -5.65 4.43
N THR A 36 -24.88 -4.51 4.96
CA THR A 36 -23.60 -4.33 5.61
C THR A 36 -23.66 -4.83 7.05
N ILE A 37 -22.54 -5.38 7.54
CA ILE A 37 -22.39 -5.65 8.95
C ILE A 37 -21.58 -4.51 9.54
N GLU A 38 -20.32 -4.36 9.10
CA GLU A 38 -19.55 -3.14 9.34
C GLU A 38 -18.34 -3.12 8.44
N ASP A 39 -18.18 -2.04 7.68
CA ASP A 39 -17.08 -1.88 6.74
C ASP A 39 -16.34 -0.59 7.07
N SER A 40 -15.08 -0.53 6.69
N SER A 40 -15.07 -0.50 6.70
CA SER A 40 -14.23 0.63 6.91
CA SER A 40 -14.32 0.73 6.95
C SER A 40 -13.57 1.04 5.61
C SER A 40 -13.42 1.05 5.77
N TYR A 41 -13.32 2.34 5.46
CA TYR A 41 -12.63 2.86 4.30
C TYR A 41 -11.74 4.04 4.71
N ARG A 42 -10.71 4.31 3.91
CA ARG A 42 -9.86 5.47 4.15
C ARG A 42 -9.71 6.27 2.86
N LYS A 43 -9.60 7.60 3.01
CA LYS A 43 -9.48 8.49 1.86
C LYS A 43 -8.64 9.70 2.22
N GLN A 44 -7.51 9.88 1.53
CA GLN A 44 -6.74 11.11 1.62
C GLN A 44 -7.32 12.13 0.64
N VAL A 45 -7.60 13.35 1.12
CA VAL A 45 -8.25 14.35 0.27
C VAL A 45 -7.95 15.74 0.81
N VAL A 46 -7.79 16.69 -0.09
CA VAL A 46 -7.58 18.09 0.29
C VAL A 46 -8.94 18.77 0.38
N ILE A 47 -9.26 19.31 1.56
CA ILE A 47 -10.53 20.01 1.80
C ILE A 47 -10.20 21.40 2.31
N ASP A 48 -10.71 22.43 1.62
CA ASP A 48 -10.42 23.83 1.95
C ASP A 48 -8.92 24.06 2.13
N GLY A 49 -8.13 23.51 1.21
CA GLY A 49 -6.69 23.70 1.20
C GLY A 49 -5.90 22.90 2.21
N GLU A 50 -6.54 22.08 3.02
CA GLU A 50 -5.84 21.29 4.03
C GLU A 50 -6.00 19.80 3.71
N THR A 51 -4.89 19.08 3.71
CA THR A 51 -4.92 17.65 3.44
C THR A 51 -5.43 16.92 4.66
N LEU A 53 -7.08 12.94 6.23
CA LEU A 53 -7.26 11.52 6.07
C LEU A 53 -8.61 11.18 6.67
N LEU A 54 -9.54 10.76 5.83
CA LEU A 54 -10.87 10.40 6.31
C LEU A 54 -10.91 8.90 6.61
N ASP A 55 -11.33 8.56 7.83
CA ASP A 55 -11.68 7.18 8.17
C ASP A 55 -13.19 7.10 8.17
N ILE A 56 -13.76 6.27 7.31
CA ILE A 56 -15.21 6.24 7.13
C ILE A 56 -15.70 4.87 7.56
N LEU A 57 -16.56 4.86 8.58
CA LEU A 57 -17.17 3.63 9.04
C LEU A 57 -18.56 3.52 8.43
N ASP A 58 -18.82 2.42 7.73
CA ASP A 58 -20.08 2.15 7.06
C ASP A 58 -20.82 1.10 7.88
N THR A 59 -21.99 1.47 8.44
CA THR A 59 -22.62 0.67 9.48
C THR A 59 -23.85 -0.08 8.97
N ALA A 60 -24.38 -0.95 9.83
CA ALA A 60 -25.51 -1.81 9.48
C ALA A 60 -26.84 -1.10 9.74
N GLY A 61 -27.68 -1.06 8.72
CA GLY A 61 -29.01 -0.51 8.87
C GLY A 61 -30.07 -1.53 9.21
N GLN A 62 -29.83 -2.83 8.95
CA GLN A 62 -30.86 -3.83 9.26
C GLN A 62 -31.14 -3.87 10.75
N GLU A 63 -32.40 -4.04 11.11
CA GLU A 63 -32.79 -3.96 12.52
C GLU A 63 -32.19 -5.07 13.35
N GLU A 64 -31.85 -6.21 12.73
CA GLU A 64 -31.23 -7.31 13.45
C GLU A 64 -29.89 -6.91 14.08
N ALA A 65 -29.27 -5.83 13.62
CA ALA A 65 -28.02 -5.35 14.19
C ALA A 65 -28.21 -4.18 15.16
N SER A 66 -29.46 -3.88 15.55
CA SER A 66 -29.73 -2.62 16.25
C SER A 66 -29.13 -2.56 17.65
N ALA A 67 -28.73 -3.69 18.23
CA ALA A 67 -28.18 -3.72 19.58
C ALA A 67 -26.65 -3.57 19.60
N MET A 68 -26.02 -3.30 18.46
CA MET A 68 -24.57 -3.30 18.34
C MET A 68 -24.00 -1.93 17.98
N ARG A 69 -24.73 -0.84 18.28
CA ARG A 69 -24.36 0.48 17.78
C ARG A 69 -23.50 1.29 18.73
N ASP A 70 -23.65 1.11 20.05
CA ASP A 70 -22.90 1.96 20.98
C ASP A 70 -21.41 1.94 20.66
N GLN A 71 -20.88 0.75 20.33
CA GLN A 71 -19.44 0.61 20.14
C GLN A 71 -18.93 1.48 18.99
N TYR A 72 -19.69 1.62 17.91
CA TYR A 72 -19.18 2.49 16.85
C TYR A 72 -19.52 3.96 17.11
N MET A 73 -20.59 4.25 17.86
CA MET A 73 -20.91 5.64 18.13
C MET A 73 -19.90 6.27 19.09
N ARG A 74 -19.30 5.46 19.95
CA ARG A 74 -18.26 5.97 20.83
C ARG A 74 -17.05 6.46 20.05
N THR A 75 -16.69 5.75 18.97
CA THR A 75 -15.46 6.08 18.25
C THR A 75 -15.63 7.23 17.27
N GLY A 76 -16.84 7.46 16.78
CA GLY A 76 -16.99 8.42 15.68
C GLY A 76 -16.90 9.87 16.14
N GLU A 77 -16.30 10.70 15.29
N GLU A 77 -16.33 10.71 15.27
CA GLU A 77 -16.27 12.13 15.54
CA GLU A 77 -16.25 12.14 15.52
C GLU A 77 -17.49 12.84 14.94
C GLU A 77 -17.33 12.95 14.82
N GLY A 78 -17.93 12.39 13.78
CA GLY A 78 -19.05 13.03 13.10
C GLY A 78 -19.88 11.98 12.39
N PHE A 79 -21.16 12.29 12.19
CA PHE A 79 -22.09 11.29 11.68
C PHE A 79 -22.88 11.81 10.49
N LEU A 80 -22.89 11.04 9.40
N LEU A 80 -22.94 11.00 9.44
CA LEU A 80 -23.82 11.26 8.31
CA LEU A 80 -23.81 11.25 8.30
C LEU A 80 -25.09 10.48 8.63
C LEU A 80 -25.11 10.47 8.55
N CYS A 81 -26.20 11.19 8.80
CA CYS A 81 -27.49 10.57 9.11
C CYS A 81 -28.29 10.50 7.82
N VAL A 82 -28.39 9.31 7.24
CA VAL A 82 -28.89 9.11 5.89
C VAL A 82 -30.30 8.52 5.93
N PHE A 83 -31.21 9.11 5.14
CA PHE A 83 -32.48 8.49 4.80
C PHE A 83 -32.62 8.55 3.28
N ALA A 84 -33.64 7.88 2.74
CA ALA A 84 -33.90 7.89 1.30
C ALA A 84 -35.17 8.69 1.05
N ILE A 85 -35.14 9.58 0.06
CA ILE A 85 -36.27 10.50 -0.13
C ILE A 85 -37.50 9.81 -0.70
N ASN A 86 -37.40 8.53 -1.05
CA ASN A 86 -38.58 7.75 -1.47
C ASN A 86 -38.99 6.72 -0.41
N ASN A 87 -38.54 6.88 0.83
N ASN A 87 -38.58 6.93 0.84
CA ASN A 87 -38.90 5.94 1.90
CA ASN A 87 -38.84 5.97 1.93
C ASN A 87 -39.20 6.75 3.16
C ASN A 87 -39.14 6.77 3.20
N THR A 88 -40.49 6.95 3.44
N THR A 88 -40.44 7.02 3.46
CA THR A 88 -40.89 7.76 4.58
CA THR A 88 -40.81 7.81 4.62
C THR A 88 -40.45 7.14 5.90
C THR A 88 -40.43 7.14 5.93
N LYS A 89 -40.50 5.81 6.00
CA LYS A 89 -40.08 5.14 7.24
C LYS A 89 -38.62 5.43 7.55
N SER A 90 -37.75 5.47 6.53
CA SER A 90 -36.35 5.76 6.81
C SER A 90 -36.17 7.18 7.35
N PHE A 91 -37.01 8.11 6.91
CA PHE A 91 -36.95 9.46 7.47
C PHE A 91 -37.41 9.47 8.92
N GLU A 92 -38.44 8.69 9.23
CA GLU A 92 -38.90 8.61 10.62
C GLU A 92 -37.88 7.92 11.52
N ASP A 93 -37.03 7.05 10.97
CA ASP A 93 -35.98 6.41 11.76
C ASP A 93 -34.83 7.35 12.13
N ILE A 94 -34.71 8.51 11.47
CA ILE A 94 -33.57 9.41 11.70
C ILE A 94 -33.50 9.82 13.17
N HIS A 95 -34.64 10.16 13.77
CA HIS A 95 -34.57 10.71 15.12
C HIS A 95 -34.05 9.67 16.12
N GLN A 96 -34.32 8.38 15.88
N GLN A 96 -34.29 8.38 15.86
CA GLN A 96 -33.75 7.34 16.75
CA GLN A 96 -33.78 7.34 16.74
C GLN A 96 -32.23 7.39 16.72
C GLN A 96 -32.24 7.30 16.71
N TYR A 97 -31.64 7.45 15.53
CA TYR A 97 -30.18 7.53 15.43
C TYR A 97 -29.66 8.80 16.09
N ARG A 98 -30.33 9.93 15.84
CA ARG A 98 -29.89 11.19 16.45
C ARG A 98 -29.90 11.10 17.97
N GLU A 99 -30.96 10.53 18.55
CA GLU A 99 -31.05 10.47 20.00
C GLU A 99 -30.04 9.48 20.58
N GLN A 100 -29.81 8.35 19.89
CA GLN A 100 -28.82 7.40 20.39
C GLN A 100 -27.41 7.98 20.34
N ILE A 101 -27.06 8.69 19.26
CA ILE A 101 -25.73 9.29 19.19
C ILE A 101 -25.53 10.27 20.34
N LYS A 102 -26.53 11.11 20.61
CA LYS A 102 -26.43 12.09 21.70
C LYS A 102 -26.25 11.40 23.04
N ARG A 103 -26.97 10.29 23.28
N ARG A 103 -26.96 10.28 23.27
CA ARG A 103 -26.84 9.58 24.55
CA ARG A 103 -26.84 9.57 24.55
C ARG A 103 -25.44 8.99 24.71
C ARG A 103 -25.45 8.97 24.71
N VAL A 104 -24.97 8.26 23.69
CA VAL A 104 -23.69 7.58 23.78
C VAL A 104 -22.55 8.58 23.97
N LYS A 105 -22.56 9.65 23.19
CA LYS A 105 -21.50 10.63 23.31
C LYS A 105 -21.76 11.64 24.41
N ASP A 106 -22.90 11.53 25.10
CA ASP A 106 -23.25 12.42 26.21
C ASP A 106 -23.06 13.88 25.81
N SER A 107 -23.66 14.26 24.69
CA SER A 107 -23.42 15.59 24.13
C SER A 107 -24.60 16.00 23.27
N ASP A 108 -24.99 17.27 23.40
CA ASP A 108 -26.01 17.88 22.56
C ASP A 108 -25.42 18.48 21.29
N ASP A 109 -24.10 18.40 21.12
CA ASP A 109 -23.37 19.17 20.12
C ASP A 109 -22.44 18.27 19.30
N VAL A 110 -22.96 17.16 18.79
CA VAL A 110 -22.15 16.23 17.98
C VAL A 110 -22.20 16.65 16.51
N PRO A 111 -21.06 16.73 15.82
CA PRO A 111 -21.09 17.05 14.37
C PRO A 111 -21.92 16.03 13.60
N MET A 112 -22.88 16.53 12.82
N MET A 112 -22.88 16.54 12.82
CA MET A 112 -23.79 15.71 12.03
CA MET A 112 -23.76 15.70 12.04
C MET A 112 -24.22 16.44 10.78
C MET A 112 -24.19 16.44 10.77
N VAL A 113 -24.54 15.67 9.75
CA VAL A 113 -25.17 16.19 8.54
C VAL A 113 -26.36 15.29 8.23
N LEU A 114 -27.51 15.90 7.89
CA LEU A 114 -28.68 15.12 7.47
C LEU A 114 -28.61 14.94 5.96
N VAL A 115 -28.72 13.68 5.50
CA VAL A 115 -28.56 13.36 4.08
C VAL A 115 -29.83 12.71 3.57
N GLY A 116 -30.44 13.31 2.55
CA GLY A 116 -31.54 12.69 1.83
C GLY A 116 -31.06 12.09 0.53
N ASN A 117 -30.92 10.76 0.48
CA ASN A 117 -30.29 10.07 -0.65
C ASN A 117 -31.35 9.60 -1.65
N LYS A 118 -30.84 9.16 -2.81
CA LYS A 118 -31.64 8.69 -3.95
C LYS A 118 -32.39 9.85 -4.63
N CYS A 119 -31.77 11.04 -4.67
CA CYS A 119 -32.45 12.19 -5.25
C CYS A 119 -32.51 12.15 -6.77
N ASP A 120 -31.91 11.12 -7.40
CA ASP A 120 -32.08 10.88 -8.83
C ASP A 120 -33.45 10.31 -9.17
N LEU A 121 -34.17 9.79 -8.18
CA LEU A 121 -35.46 9.16 -8.42
C LEU A 121 -36.57 10.20 -8.39
N ALA A 122 -37.50 10.08 -9.34
CA ALA A 122 -38.57 11.07 -9.47
C ALA A 122 -39.62 10.92 -8.37
N ALA A 123 -39.90 9.70 -7.94
CA ALA A 123 -41.04 9.39 -7.06
C ALA A 123 -40.68 9.64 -5.59
N ARG A 124 -40.52 10.93 -5.27
CA ARG A 124 -40.20 11.34 -3.91
C ARG A 124 -41.42 11.23 -2.99
N THR A 125 -41.19 10.77 -1.75
CA THR A 125 -42.24 10.76 -0.73
C THR A 125 -41.91 11.60 0.51
N VAL A 126 -40.67 12.03 0.67
CA VAL A 126 -40.26 12.95 1.73
C VAL A 126 -39.93 14.28 1.07
N GLU A 127 -40.67 15.33 1.41
CA GLU A 127 -40.41 16.63 0.78
C GLU A 127 -39.18 17.28 1.41
N SER A 128 -38.47 18.06 0.59
CA SER A 128 -37.26 18.72 1.08
C SER A 128 -37.56 19.59 2.29
N ARG A 129 -38.70 20.28 2.27
CA ARG A 129 -39.05 21.18 3.37
C ARG A 129 -39.16 20.44 4.69
N GLN A 130 -39.77 19.26 4.70
CA GLN A 130 -39.88 18.50 5.94
C GLN A 130 -38.51 18.11 6.48
N ALA A 131 -37.60 17.70 5.58
CA ALA A 131 -36.27 17.33 6.04
C ALA A 131 -35.50 18.56 6.51
N GLN A 132 -35.64 19.67 5.79
CA GLN A 132 -34.93 20.89 6.18
C GLN A 132 -35.41 21.38 7.55
N ASP A 133 -36.72 21.30 7.81
CA ASP A 133 -37.22 21.68 9.14
C ASP A 133 -36.57 20.84 10.23
N LEU A 134 -36.46 19.52 10.01
CA LEU A 134 -35.81 18.65 10.99
C LEU A 134 -34.36 19.05 11.18
N ALA A 135 -33.63 19.24 10.08
CA ALA A 135 -32.23 19.64 10.20
C ALA A 135 -32.08 20.94 11.01
N ARG A 136 -32.94 21.93 10.75
CA ARG A 136 -32.83 23.18 11.51
C ARG A 136 -33.06 22.92 13.00
N SER A 137 -34.00 22.04 13.32
CA SER A 137 -34.25 21.72 14.73
C SER A 137 -33.05 21.05 15.38
N TYR A 138 -32.18 20.41 14.59
CA TYR A 138 -30.96 19.80 15.08
C TYR A 138 -29.76 20.75 15.00
N GLY A 139 -29.90 21.89 14.33
CA GLY A 139 -28.78 22.78 14.11
C GLY A 139 -27.78 22.30 13.08
N ILE A 140 -28.20 21.49 12.11
CA ILE A 140 -27.26 20.87 11.18
C ILE A 140 -27.72 21.12 9.75
N PRO A 141 -26.81 21.03 8.77
CA PRO A 141 -27.22 21.19 7.38
C PRO A 141 -27.90 19.95 6.83
N TYR A 142 -28.67 20.17 5.75
CA TYR A 142 -29.35 19.11 5.03
C TYR A 142 -28.86 19.11 3.60
N ILE A 143 -28.40 17.95 3.13
CA ILE A 143 -27.85 17.84 1.78
C ILE A 143 -28.51 16.65 1.09
N GLU A 144 -29.09 16.88 -0.09
CA GLU A 144 -29.65 15.79 -0.87
C GLU A 144 -28.60 15.24 -1.83
N THR A 145 -28.57 13.93 -1.96
CA THR A 145 -27.51 13.22 -2.65
C THR A 145 -28.07 12.16 -3.59
N SER A 146 -27.26 11.77 -4.56
CA SER A 146 -27.47 10.55 -5.32
C SER A 146 -26.16 9.79 -5.40
N ALA A 147 -26.12 8.60 -4.80
CA ALA A 147 -24.96 7.74 -4.99
C ALA A 147 -24.82 7.29 -6.43
N LYS A 148 -25.91 7.31 -7.20
CA LYS A 148 -25.89 6.87 -8.58
C LYS A 148 -25.26 7.90 -9.50
N THR A 149 -25.64 9.18 -9.37
CA THR A 149 -25.15 10.22 -10.26
C THR A 149 -23.98 11.01 -9.70
N ARG A 150 -23.68 10.89 -8.40
CA ARG A 150 -22.70 11.65 -7.62
C ARG A 150 -23.22 12.98 -7.14
N GLN A 151 -24.43 13.39 -7.51
CA GLN A 151 -24.97 14.67 -7.03
C GLN A 151 -24.88 14.75 -5.51
N GLY A 152 -24.25 15.82 -5.01
CA GLY A 152 -24.19 16.11 -3.59
C GLY A 152 -23.26 15.24 -2.75
N VAL A 153 -22.63 14.21 -3.33
CA VAL A 153 -21.91 13.24 -2.50
C VAL A 153 -20.71 13.87 -1.82
N GLU A 154 -19.85 14.56 -2.59
CA GLU A 154 -18.70 15.23 -1.97
C GLU A 154 -19.16 16.30 -0.99
N ASP A 155 -20.21 17.03 -1.35
CA ASP A 155 -20.74 18.07 -0.46
C ASP A 155 -21.15 17.48 0.89
N ALA A 156 -21.80 16.32 0.89
CA ALA A 156 -22.26 15.76 2.15
C ALA A 156 -21.08 15.38 3.05
N PHE A 157 -20.12 14.62 2.50
CA PHE A 157 -19.01 14.16 3.33
C PHE A 157 -18.11 15.31 3.73
N TYR A 158 -17.82 16.24 2.81
CA TYR A 158 -16.87 17.28 3.15
C TYR A 158 -17.51 18.35 4.04
N THR A 159 -18.83 18.54 3.96
CA THR A 159 -19.50 19.40 4.95
C THR A 159 -19.36 18.82 6.34
N LEU A 160 -19.46 17.49 6.48
CA LEU A 160 -19.27 16.88 7.79
C LEU A 160 -17.85 17.09 8.31
N VAL A 161 -16.84 16.99 7.43
CA VAL A 161 -15.47 17.27 7.85
C VAL A 161 -15.36 18.69 8.39
N ARG A 162 -15.96 19.65 7.68
CA ARG A 162 -15.91 21.04 8.15
C ARG A 162 -16.56 21.20 9.51
N GLU A 163 -17.59 20.42 9.80
N GLU A 163 -17.65 20.46 9.76
CA GLU A 163 -18.24 20.58 11.10
CA GLU A 163 -18.30 20.50 11.07
C GLU A 163 -17.45 19.94 12.23
C GLU A 163 -17.34 20.02 12.16
N ILE A 164 -16.69 18.89 11.93
CA ILE A 164 -15.73 18.37 12.90
C ILE A 164 -14.60 19.37 13.11
N ARG A 165 -14.13 19.98 12.03
CA ARG A 165 -13.01 20.91 12.12
C ARG A 165 -13.36 22.15 12.94
N GLN A 166 -14.60 22.62 12.86
CA GLN A 166 -15.02 23.81 13.62
C GLN A 166 -15.61 23.47 14.98
N HIS A 167 -15.68 22.19 15.34
CA HIS A 167 -16.25 21.77 16.61
C HIS A 167 -15.35 22.16 17.78
N GLY B 1 -23.92 -7.34 36.62
CA GLY B 1 -22.68 -8.07 36.46
C GLY B 1 -22.43 -8.50 35.02
N GLN B 2 -21.23 -8.99 34.75
CA GLN B 2 -20.96 -9.49 33.41
C GLN B 2 -21.77 -10.76 33.14
N MET B 3 -22.00 -11.02 31.86
CA MET B 3 -22.65 -12.27 31.49
C MET B 3 -21.74 -13.43 31.84
N ARG B 4 -22.37 -14.51 32.32
CA ARG B 4 -21.63 -15.76 32.43
C ARG B 4 -21.39 -16.35 31.05
N LEU B 5 -20.36 -17.17 30.97
CA LEU B 5 -19.87 -17.73 29.72
C LEU B 5 -19.99 -19.25 29.74
N PRO B 6 -19.97 -19.90 28.58
CA PRO B 6 -19.90 -21.36 28.56
C PRO B 6 -18.61 -21.81 29.23
N SER B 7 -18.64 -23.04 29.74
CA SER B 7 -17.43 -23.65 30.27
C SER B 7 -16.35 -23.71 29.19
N ALA B 8 -15.13 -23.33 29.56
CA ALA B 8 -14.04 -23.36 28.58
C ALA B 8 -13.76 -24.79 28.11
N ASP B 9 -14.26 -25.79 28.82
CA ASP B 9 -14.11 -27.18 28.39
C ASP B 9 -14.96 -27.50 27.17
N VAL B 10 -16.15 -26.90 27.05
CA VAL B 10 -16.98 -27.13 25.88
C VAL B 10 -16.86 -26.05 24.81
N TYR B 11 -16.32 -24.87 25.15
CA TYR B 11 -16.21 -23.77 24.20
C TYR B 11 -14.88 -23.07 24.44
N ARG B 12 -13.91 -23.27 23.54
CA ARG B 12 -12.53 -22.89 23.84
C ARG B 12 -12.34 -21.39 23.96
N PHE B 13 -13.24 -20.60 23.40
CA PHE B 13 -13.06 -19.15 23.34
C PHE B 13 -13.53 -18.43 24.61
N ALA B 14 -13.86 -19.17 25.66
CA ALA B 14 -14.24 -18.59 26.94
C ALA B 14 -13.12 -18.66 27.97
N GLU B 15 -11.94 -19.11 27.58
CA GLU B 15 -10.82 -19.11 28.51
C GLU B 15 -10.48 -17.68 28.93
N PRO B 16 -10.18 -17.43 30.19
CA PRO B 16 -9.85 -16.05 30.60
C PRO B 16 -8.56 -15.56 29.94
N ASP B 17 -8.54 -14.25 29.66
CA ASP B 17 -7.30 -13.62 29.21
C ASP B 17 -6.22 -13.78 30.27
N SER B 18 -5.00 -14.10 29.83
CA SER B 18 -3.84 -14.08 30.71
C SER B 18 -2.62 -13.78 29.87
N GLU B 19 -1.51 -13.45 30.54
CA GLU B 19 -0.29 -13.21 29.77
C GLU B 19 0.26 -14.48 29.13
N GLU B 20 -0.26 -15.65 29.49
CA GLU B 20 0.11 -16.88 28.79
C GLU B 20 -0.63 -17.04 27.48
N ASN B 21 -1.65 -16.22 27.18
CA ASN B 21 -2.36 -16.37 25.91
C ASN B 21 -2.63 -15.06 25.17
N ILE B 22 -2.44 -13.89 25.77
CA ILE B 22 -2.63 -12.63 25.04
C ILE B 22 -1.85 -11.53 25.73
N ILE B 23 -1.22 -10.66 24.94
CA ILE B 23 -0.47 -9.53 25.45
C ILE B 23 -0.92 -8.29 24.68
N PHE B 24 -1.29 -7.24 25.41
CA PHE B 24 -1.77 -6.01 24.79
C PHE B 24 -0.67 -4.96 24.74
N GLU B 25 -0.73 -4.11 23.72
CA GLU B 25 0.13 -2.94 23.71
C GLU B 25 -0.28 -1.96 24.82
N GLU B 26 0.68 -1.14 25.23
CA GLU B 26 0.41 -0.11 26.22
C GLU B 26 -0.34 1.06 25.57
N GLY B 33 -11.35 3.60 21.99
CA GLY B 33 -10.50 3.17 23.07
C GLY B 33 -10.46 1.67 23.22
N ILE B 34 -10.37 0.96 22.09
CA ILE B 34 -10.33 -0.50 22.12
C ILE B 34 -8.88 -0.96 22.26
N PRO B 35 -8.65 -2.12 22.86
CA PRO B 35 -7.27 -2.57 23.07
C PRO B 35 -6.59 -2.94 21.76
N ILE B 36 -5.27 -2.82 21.75
CA ILE B 36 -4.44 -3.17 20.60
C ILE B 36 -3.58 -4.37 21.01
N ILE B 37 -3.62 -5.43 20.19
CA ILE B 37 -3.00 -6.70 20.55
C ILE B 37 -1.55 -6.72 20.07
N LYS B 38 -0.64 -7.01 21.01
CA LYS B 38 0.77 -7.21 20.67
C LYS B 38 1.04 -8.66 20.24
N ALA B 39 0.50 -9.63 20.98
CA ALA B 39 0.78 -11.03 20.71
C ALA B 39 -0.34 -11.86 21.32
N GLY B 40 -0.53 -13.07 20.80
CA GLY B 40 -1.50 -13.97 21.42
C GLY B 40 -1.52 -15.31 20.73
N THR B 41 -2.21 -16.25 21.35
CA THR B 41 -2.48 -17.51 20.67
C THR B 41 -3.47 -17.28 19.53
N VAL B 42 -3.53 -18.24 18.59
CA VAL B 42 -4.47 -18.08 17.48
C VAL B 42 -5.92 -18.07 18.01
N ILE B 43 -6.21 -18.86 19.04
CA ILE B 43 -7.55 -18.84 19.65
C ILE B 43 -7.90 -17.45 20.17
N LYS B 44 -6.95 -16.80 20.86
CA LYS B 44 -7.24 -15.47 21.39
C LYS B 44 -7.36 -14.42 20.27
N LEU B 45 -6.53 -14.55 19.23
CA LEU B 45 -6.66 -13.63 18.10
C LEU B 45 -8.04 -13.75 17.45
N ILE B 46 -8.54 -14.98 17.29
CA ILE B 46 -9.83 -15.16 16.65
C ILE B 46 -10.95 -14.68 17.57
N GLU B 47 -10.82 -14.90 18.88
CA GLU B 47 -11.78 -14.35 19.84
C GLU B 47 -11.89 -12.84 19.70
N ARG B 48 -10.75 -12.15 19.66
CA ARG B 48 -10.78 -10.69 19.58
C ARG B 48 -11.17 -10.19 18.20
N LEU B 49 -10.94 -11.01 17.18
CA LEU B 49 -11.39 -10.69 15.82
C LEU B 49 -12.90 -10.64 15.72
N THR B 50 -13.59 -11.33 16.62
CA THR B 50 -15.04 -11.51 16.57
C THR B 50 -15.63 -11.21 17.95
N TYR B 51 -15.15 -10.15 18.58
CA TYR B 51 -15.40 -9.91 20.00
C TYR B 51 -16.82 -9.43 20.25
N HIS B 52 -17.41 -9.85 21.38
CA HIS B 52 -18.81 -9.50 21.60
C HIS B 52 -18.99 -8.02 21.97
N MET B 53 -17.96 -7.37 22.51
CA MET B 53 -18.12 -6.00 23.02
C MET B 53 -17.93 -4.92 21.95
N TYR B 54 -17.21 -5.21 20.87
CA TYR B 54 -16.99 -4.17 19.88
C TYR B 54 -16.59 -4.81 18.55
N ALA B 55 -16.76 -4.05 17.48
CA ALA B 55 -16.25 -4.40 16.17
C ALA B 55 -14.89 -3.74 15.95
N ASP B 56 -14.08 -4.35 15.08
CA ASP B 56 -12.72 -3.89 14.84
C ASP B 56 -12.41 -4.10 13.37
N PRO B 57 -13.01 -3.29 12.50
CA PRO B 57 -12.86 -3.53 11.05
C PRO B 57 -11.43 -3.45 10.57
N ASN B 58 -10.59 -2.63 11.20
N ASN B 58 -10.62 -2.57 11.16
CA ASN B 58 -9.19 -2.58 10.77
CA ASN B 58 -9.20 -2.55 10.84
C ASN B 58 -8.43 -3.83 11.23
C ASN B 58 -8.57 -3.90 11.14
N PHE B 59 -8.87 -4.45 12.32
CA PHE B 59 -8.29 -5.73 12.72
C PHE B 59 -8.72 -6.84 11.75
N VAL B 60 -9.98 -6.80 11.29
CA VAL B 60 -10.42 -7.80 10.32
C VAL B 60 -9.56 -7.73 9.06
N ARG B 61 -9.33 -6.52 8.55
CA ARG B 61 -8.49 -6.39 7.37
C ARG B 61 -7.05 -6.83 7.65
N THR B 62 -6.49 -6.37 8.77
N THR B 62 -6.49 -6.43 8.79
CA THR B 62 -5.13 -6.77 9.13
CA THR B 62 -5.11 -6.78 9.05
C THR B 62 -5.01 -8.28 9.20
C THR B 62 -4.93 -8.27 9.31
N PHE B 63 -5.92 -8.91 9.94
CA PHE B 63 -5.88 -10.35 10.13
C PHE B 63 -6.03 -11.09 8.81
N LEU B 64 -7.05 -10.73 8.00
CA LEU B 64 -7.25 -11.48 6.76
C LEU B 64 -6.14 -11.24 5.75
N THR B 65 -5.43 -10.11 5.85
CA THR B 65 -4.30 -9.86 4.95
C THR B 65 -3.08 -10.71 5.31
N THR B 66 -2.87 -10.97 6.61
CA THR B 66 -1.58 -11.49 7.09
C THR B 66 -1.62 -12.86 7.74
N TYR B 67 -2.80 -13.47 7.95
CA TYR B 67 -2.88 -14.64 8.83
C TYR B 67 -2.14 -15.86 8.29
N ARG B 68 -1.88 -15.94 6.98
CA ARG B 68 -1.33 -17.17 6.43
C ARG B 68 0.09 -17.43 6.91
N SER B 69 0.75 -16.43 7.49
CA SER B 69 2.06 -16.63 8.12
C SER B 69 1.96 -17.36 9.45
N PHE B 70 0.76 -17.55 10.02
CA PHE B 70 0.65 -18.30 11.25
C PHE B 70 -0.49 -19.29 11.32
N CYS B 71 -1.35 -19.36 10.30
CA CYS B 71 -2.51 -20.25 10.30
C CYS B 71 -2.88 -20.58 8.87
N LYS B 72 -3.09 -21.86 8.56
CA LYS B 72 -3.49 -22.23 7.21
C LYS B 72 -4.95 -21.84 6.95
N PRO B 73 -5.30 -21.51 5.69
CA PRO B 73 -6.71 -21.18 5.39
C PRO B 73 -7.71 -22.23 5.86
N GLN B 74 -7.43 -23.52 5.65
CA GLN B 74 -8.36 -24.56 6.09
C GLN B 74 -8.54 -24.52 7.60
N GLU B 75 -7.47 -24.24 8.33
CA GLU B 75 -7.55 -24.20 9.79
C GLU B 75 -8.28 -22.95 10.27
N LEU B 76 -8.09 -21.82 9.59
CA LEU B 76 -8.85 -20.62 9.94
C LEU B 76 -10.35 -20.87 9.82
N LEU B 77 -10.78 -21.50 8.73
CA LEU B 77 -12.22 -21.77 8.57
C LEU B 77 -12.73 -22.69 9.67
N SER B 78 -11.98 -23.74 10.01
CA SER B 78 -12.41 -24.60 11.11
C SER B 78 -12.56 -23.81 12.40
N LEU B 79 -11.62 -22.89 12.67
CA LEU B 79 -11.66 -22.13 13.92
C LEU B 79 -12.82 -21.14 13.95
N ILE B 80 -13.16 -20.50 12.81
CA ILE B 80 -14.26 -19.56 12.92
C ILE B 80 -15.61 -20.29 12.94
N ILE B 81 -15.69 -21.50 12.36
CA ILE B 81 -16.91 -22.29 12.55
C ILE B 81 -17.05 -22.70 14.01
N GLU B 82 -15.94 -23.10 14.64
CA GLU B 82 -15.95 -23.41 16.07
C GLU B 82 -16.39 -22.20 16.89
N ARG B 83 -15.89 -21.01 16.52
CA ARG B 83 -16.28 -19.78 17.21
C ARG B 83 -17.77 -19.52 17.08
N PHE B 84 -18.33 -19.81 15.90
CA PHE B 84 -19.73 -19.53 15.62
C PHE B 84 -20.68 -20.37 16.48
N GLU B 85 -20.27 -21.59 16.82
CA GLU B 85 -21.18 -22.58 17.42
C GLU B 85 -21.15 -22.43 18.94
N ILE B 86 -21.91 -21.47 19.44
CA ILE B 86 -21.89 -21.06 20.84
C ILE B 86 -23.00 -21.78 21.58
N PRO B 87 -22.72 -22.50 22.67
CA PRO B 87 -23.80 -23.14 23.41
C PRO B 87 -24.61 -22.14 24.20
N GLU B 88 -25.94 -22.40 24.31
CA GLU B 88 -26.81 -21.54 25.11
C GLU B 88 -26.83 -22.02 26.56
N PRO B 89 -26.99 -21.10 27.51
CA PRO B 89 -27.01 -21.51 28.92
C PRO B 89 -28.30 -22.24 29.29
N GLU B 90 -28.21 -23.04 30.35
CA GLU B 90 -29.37 -23.76 30.86
C GLU B 90 -30.31 -22.81 31.63
N PRO B 91 -31.58 -23.20 31.80
CA PRO B 91 -32.50 -22.37 32.60
C PRO B 91 -31.97 -22.14 34.01
N THR B 92 -32.25 -20.94 34.54
CA THR B 92 -31.83 -20.57 35.88
C THR B 92 -32.84 -21.05 36.92
N GLU B 93 -32.52 -20.78 38.20
CA GLU B 93 -33.41 -21.20 39.28
C GLU B 93 -34.78 -20.55 39.15
N ALA B 94 -34.83 -19.25 38.85
CA ALA B 94 -36.13 -18.60 38.69
C ALA B 94 -36.93 -19.23 37.53
N ASP B 95 -36.24 -19.55 36.44
CA ASP B 95 -36.91 -20.21 35.31
C ASP B 95 -37.45 -21.58 35.74
N ARG B 96 -36.65 -22.35 36.49
N ARG B 96 -36.63 -22.33 36.47
CA ARG B 96 -37.12 -23.66 36.91
CA ARG B 96 -37.01 -23.64 36.98
C ARG B 96 -38.35 -23.56 37.79
C ARG B 96 -38.30 -23.55 37.79
N ILE B 97 -38.38 -22.59 38.70
CA ILE B 97 -39.53 -22.46 39.59
C ILE B 97 -40.76 -22.07 38.79
N ALA B 98 -40.61 -21.20 37.79
CA ALA B 98 -41.75 -20.86 36.94
C ALA B 98 -42.29 -22.09 36.22
N ILE B 99 -41.38 -22.87 35.62
CA ILE B 99 -41.80 -24.07 34.87
C ILE B 99 -42.48 -25.07 35.80
N GLU B 100 -41.99 -25.19 37.04
CA GLU B 100 -42.59 -26.14 37.96
C GLU B 100 -44.01 -25.75 38.33
N ASN B 101 -44.35 -24.47 38.23
CA ASN B 101 -45.69 -23.98 38.52
C ASN B 101 -46.55 -23.86 37.27
N GLY B 102 -46.09 -24.42 36.15
CA GLY B 102 -46.83 -24.37 34.91
C GLY B 102 -46.81 -23.04 34.19
N ASP B 103 -45.94 -22.12 34.59
CA ASP B 103 -45.87 -20.79 33.99
C ASP B 103 -44.73 -20.71 32.98
N GLN B 104 -44.79 -19.68 32.15
CA GLN B 104 -43.69 -19.46 31.21
C GLN B 104 -42.53 -18.78 31.93
N PRO B 105 -41.31 -19.26 31.78
CA PRO B 105 -40.18 -18.58 32.41
C PRO B 105 -39.87 -17.26 31.72
N LEU B 106 -39.28 -16.34 32.49
CA LEU B 106 -38.86 -15.07 31.93
C LEU B 106 -37.61 -15.24 31.08
N SER B 107 -36.75 -16.21 31.43
CA SER B 107 -35.53 -16.51 30.67
C SER B 107 -34.67 -15.27 30.47
N ALA B 108 -34.59 -14.43 31.52
CA ALA B 108 -33.90 -13.14 31.38
C ALA B 108 -32.43 -13.34 31.00
N GLU B 109 -31.73 -14.26 31.68
CA GLU B 109 -30.30 -14.43 31.42
C GLU B 109 -30.07 -15.03 30.03
N LEU B 110 -30.90 -15.99 29.63
CA LEU B 110 -30.79 -16.56 28.28
C LEU B 110 -31.01 -15.51 27.21
N LYS B 111 -32.06 -14.68 27.37
CA LYS B 111 -32.32 -13.64 26.37
C LYS B 111 -31.18 -12.63 26.30
N ARG B 112 -30.60 -12.26 27.44
CA ARG B 112 -29.47 -11.34 27.42
C ARG B 112 -28.25 -11.98 26.75
N PHE B 113 -27.97 -13.25 27.07
CA PHE B 113 -26.81 -13.90 26.45
C PHE B 113 -26.98 -13.99 24.93
N ARG B 114 -28.18 -14.26 24.46
CA ARG B 114 -28.42 -14.28 23.01
C ARG B 114 -28.19 -12.91 22.40
N LYS B 115 -28.74 -11.87 23.02
CA LYS B 115 -28.73 -10.53 22.45
C LYS B 115 -27.34 -9.90 22.53
N GLU B 116 -26.59 -10.16 23.61
CA GLU B 116 -25.36 -9.43 23.87
C GLU B 116 -24.10 -10.26 23.69
N TYR B 117 -24.20 -11.58 23.57
CA TYR B 117 -23.05 -12.43 23.28
C TYR B 117 -23.21 -13.18 21.96
N ILE B 118 -24.22 -14.05 21.84
CA ILE B 118 -24.29 -14.93 20.67
C ILE B 118 -24.50 -14.12 19.38
N GLN B 119 -25.51 -13.25 19.35
CA GLN B 119 -25.78 -12.54 18.10
C GLN B 119 -24.63 -11.64 17.66
N PRO B 120 -24.00 -10.84 18.51
CA PRO B 120 -22.83 -10.06 18.04
C PRO B 120 -21.67 -10.93 17.59
N VAL B 121 -21.32 -11.99 18.34
CA VAL B 121 -20.20 -12.84 17.94
C VAL B 121 -20.50 -13.52 16.61
N GLN B 122 -21.70 -14.06 16.46
CA GLN B 122 -22.06 -14.73 15.21
C GLN B 122 -22.07 -13.76 14.04
N LEU B 123 -22.61 -12.55 14.25
CA LEU B 123 -22.60 -11.58 13.17
C LEU B 123 -21.18 -11.19 12.80
N ARG B 124 -20.30 -11.09 13.80
CA ARG B 124 -18.92 -10.71 13.50
C ARG B 124 -18.16 -11.87 12.85
N VAL B 125 -18.51 -13.13 13.15
CA VAL B 125 -17.97 -14.24 12.38
C VAL B 125 -18.40 -14.12 10.92
N LEU B 126 -19.68 -13.84 10.68
CA LEU B 126 -20.14 -13.68 9.30
C LEU B 126 -19.45 -12.50 8.62
N ASN B 127 -19.13 -11.44 9.37
CA ASN B 127 -18.41 -10.32 8.77
C ASN B 127 -16.99 -10.73 8.36
N VAL B 128 -16.36 -11.62 9.13
CA VAL B 128 -15.06 -12.15 8.70
C VAL B 128 -15.23 -12.93 7.41
N CYS B 129 -16.25 -13.79 7.34
CA CYS B 129 -16.49 -14.55 6.11
C CYS B 129 -16.76 -13.62 4.93
N ARG B 130 -17.57 -12.58 5.15
CA ARG B 130 -17.91 -11.66 4.08
C ARG B 130 -16.66 -10.94 3.56
N HIS B 131 -15.82 -10.43 4.47
CA HIS B 131 -14.58 -9.78 4.05
C HIS B 131 -13.62 -10.77 3.38
N TRP B 132 -13.58 -12.00 3.90
CA TRP B 132 -12.70 -13.01 3.33
C TRP B 132 -13.06 -13.27 1.87
N VAL B 133 -14.35 -13.47 1.60
CA VAL B 133 -14.81 -13.76 0.24
C VAL B 133 -14.68 -12.52 -0.65
N GLU B 134 -14.97 -11.34 -0.12
CA GLU B 134 -15.00 -10.18 -1.00
C GLU B 134 -13.61 -9.65 -1.33
N HIS B 135 -12.69 -9.70 -0.37
CA HIS B 135 -11.42 -9.00 -0.51
C HIS B 135 -10.21 -9.93 -0.48
N HIS B 136 -10.38 -11.21 -0.19
CA HIS B 136 -9.27 -12.14 -0.12
C HIS B 136 -9.67 -13.46 -0.77
N PHE B 137 -10.41 -13.36 -1.89
CA PHE B 137 -10.97 -14.54 -2.53
C PHE B 137 -9.91 -15.48 -3.10
N TYR B 138 -8.66 -15.03 -3.24
CA TYR B 138 -7.63 -15.91 -3.78
C TYR B 138 -7.47 -17.20 -2.99
N ASP B 139 -7.72 -17.18 -1.67
CA ASP B 139 -7.66 -18.44 -0.92
C ASP B 139 -8.59 -19.48 -1.54
N PHE B 140 -9.76 -19.05 -1.99
CA PHE B 140 -10.76 -19.95 -2.54
C PHE B 140 -10.48 -20.28 -3.99
N GLU B 141 -9.87 -19.35 -4.74
CA GLU B 141 -9.47 -19.67 -6.11
C GLU B 141 -8.41 -20.75 -6.13
N ARG B 142 -7.54 -20.77 -5.12
CA ARG B 142 -6.42 -21.69 -5.09
C ARG B 142 -6.74 -23.01 -4.40
N ASP B 143 -7.89 -23.11 -3.74
CA ASP B 143 -8.25 -24.31 -2.98
C ASP B 143 -9.77 -24.50 -3.13
N ALA B 144 -10.18 -25.28 -4.13
CA ALA B 144 -11.60 -25.44 -4.41
C ALA B 144 -12.33 -26.10 -3.26
N TYR B 145 -11.63 -26.94 -2.48
CA TYR B 145 -12.28 -27.59 -1.35
C TYR B 145 -12.57 -26.59 -0.23
N LEU B 146 -11.66 -25.63 -0.02
CA LEU B 146 -11.95 -24.57 0.94
C LEU B 146 -13.23 -23.83 0.57
N LEU B 147 -13.42 -23.54 -0.72
CA LEU B 147 -14.64 -22.87 -1.17
C LEU B 147 -15.87 -23.73 -0.91
N GLN B 148 -15.77 -25.03 -1.18
CA GLN B 148 -16.89 -25.92 -0.87
C GLN B 148 -17.26 -25.86 0.61
N ARG B 149 -16.26 -25.87 1.49
CA ARG B 149 -16.54 -25.82 2.92
C ARG B 149 -17.19 -24.50 3.32
N MET B 150 -16.73 -23.40 2.75
CA MET B 150 -17.33 -22.11 3.06
C MET B 150 -18.77 -22.05 2.56
N GLU B 151 -19.02 -22.51 1.34
CA GLU B 151 -20.39 -22.53 0.82
C GLU B 151 -21.31 -23.35 1.70
N GLU B 152 -20.82 -24.50 2.18
N GLU B 152 -20.83 -24.52 2.16
CA GLU B 152 -21.65 -25.39 3.00
CA GLU B 152 -21.65 -25.38 3.00
C GLU B 152 -21.90 -24.81 4.38
C GLU B 152 -21.93 -24.74 4.35
N PHE B 153 -20.90 -24.14 4.97
CA PHE B 153 -21.09 -23.49 6.26
C PHE B 153 -22.15 -22.39 6.15
N ILE B 154 -21.95 -21.46 5.23
CA ILE B 154 -22.88 -20.34 5.09
C ILE B 154 -24.28 -20.85 4.75
N GLY B 155 -24.34 -21.80 3.81
CA GLY B 155 -25.62 -22.28 3.34
C GLY B 155 -26.39 -23.12 4.33
N THR B 156 -25.79 -23.51 5.45
CA THR B 156 -26.51 -24.27 6.47
C THR B 156 -26.68 -23.52 7.80
N VAL B 157 -26.38 -22.23 7.85
CA VAL B 157 -26.69 -21.44 9.05
C VAL B 157 -28.20 -21.27 9.16
N ARG B 158 -28.77 -21.66 10.31
CA ARG B 158 -30.20 -21.64 10.52
C ARG B 158 -30.62 -20.42 11.34
N GLY B 159 -31.92 -20.16 11.36
CA GLY B 159 -32.40 -19.16 12.30
C GLY B 159 -32.42 -17.74 11.75
N LYS B 160 -33.42 -16.97 12.17
CA LYS B 160 -33.78 -15.76 11.45
C LYS B 160 -32.89 -14.57 11.76
N ALA B 161 -32.19 -14.54 12.91
CA ALA B 161 -31.40 -13.35 13.22
C ALA B 161 -30.30 -13.12 12.18
N MET B 162 -29.69 -14.20 11.68
CA MET B 162 -28.60 -14.10 10.70
C MET B 162 -29.06 -14.21 9.25
N LYS B 163 -30.35 -14.47 9.00
CA LYS B 163 -30.82 -14.91 7.69
C LYS B 163 -30.50 -13.92 6.57
N LYS B 164 -30.67 -12.61 6.81
CA LYS B 164 -30.40 -11.65 5.76
C LYS B 164 -28.94 -11.71 5.30
N TRP B 165 -28.02 -11.84 6.25
CA TRP B 165 -26.62 -11.83 5.87
C TRP B 165 -26.17 -13.17 5.31
N VAL B 166 -26.78 -14.27 5.77
CA VAL B 166 -26.49 -15.58 5.21
C VAL B 166 -26.91 -15.65 3.74
N GLU B 167 -28.12 -15.19 3.44
CA GLU B 167 -28.57 -15.24 2.05
C GLU B 167 -27.74 -14.30 1.17
N SER B 168 -27.34 -13.15 1.71
CA SER B 168 -26.50 -12.23 0.96
C SER B 168 -25.12 -12.83 0.70
N ILE B 169 -24.50 -13.41 1.73
CA ILE B 169 -23.15 -13.95 1.54
C ILE B 169 -23.16 -15.11 0.55
N THR B 170 -24.22 -15.91 0.56
CA THR B 170 -24.35 -16.97 -0.45
C THR B 170 -24.32 -16.38 -1.86
N LYS B 171 -25.06 -15.28 -2.09
CA LYS B 171 -25.07 -14.69 -3.42
C LYS B 171 -23.72 -14.08 -3.77
N ILE B 172 -23.07 -13.43 -2.81
CA ILE B 172 -21.76 -12.83 -3.05
C ILE B 172 -20.76 -13.89 -3.50
N ILE B 173 -20.76 -15.05 -2.82
CA ILE B 173 -19.86 -16.12 -3.20
C ILE B 173 -20.12 -16.56 -4.63
N GLN B 174 -21.40 -16.76 -4.98
CA GLN B 174 -21.71 -17.22 -6.32
C GLN B 174 -21.28 -16.19 -7.37
N ARG B 175 -21.43 -14.90 -7.06
N ARG B 175 -21.43 -14.90 -7.06
CA ARG B 175 -20.99 -13.86 -7.98
CA ARG B 175 -20.98 -13.88 -8.00
C ARG B 175 -19.47 -13.86 -8.12
C ARG B 175 -19.46 -13.87 -8.13
N LYS B 176 -18.74 -14.00 -7.01
CA LYS B 176 -17.28 -14.00 -7.06
C LYS B 176 -16.74 -15.16 -7.89
N LYS B 177 -17.49 -16.26 -7.97
CA LYS B 177 -17.01 -17.42 -8.71
C LYS B 177 -16.96 -17.14 -10.21
N ILE B 178 -17.94 -16.42 -10.75
CA ILE B 178 -18.02 -16.23 -12.19
C ILE B 178 -17.51 -14.87 -12.63
N ALA B 179 -16.78 -14.16 -11.77
CA ALA B 179 -16.30 -12.83 -12.11
C ALA B 179 -14.91 -12.88 -12.73
N ASN B 187 -16.95 0.31 -13.72
CA ASN B 187 -17.72 1.44 -14.24
C ASN B 187 -17.54 2.68 -13.36
N ILE B 188 -17.10 3.79 -13.95
CA ILE B 188 -16.62 4.96 -13.23
C ILE B 188 -17.43 6.19 -13.65
N THR B 189 -17.77 7.05 -12.68
CA THR B 189 -18.44 8.32 -12.95
C THR B 189 -17.64 9.47 -12.33
N PHE B 190 -17.61 10.63 -13.01
CA PHE B 190 -16.72 11.71 -12.65
C PHE B 190 -17.41 13.05 -12.40
N GLN B 191 -16.72 13.90 -11.65
CA GLN B 191 -17.19 15.26 -11.43
C GLN B 191 -17.14 16.13 -12.69
N SER B 192 -16.42 15.73 -13.73
CA SER B 192 -16.27 16.55 -14.93
C SER B 192 -15.90 15.66 -16.11
N SER B 193 -15.77 16.29 -17.28
CA SER B 193 -15.32 15.60 -18.48
C SER B 193 -13.80 15.61 -18.55
N PRO B 194 -13.17 14.54 -19.05
CA PRO B 194 -11.72 14.54 -19.21
C PRO B 194 -11.31 15.54 -20.29
N PRO B 195 -10.09 16.06 -20.22
CA PRO B 195 -9.65 17.02 -21.24
C PRO B 195 -9.48 16.37 -22.60
N THR B 196 -9.45 17.21 -23.63
CA THR B 196 -9.32 16.74 -24.99
C THR B 196 -7.93 16.16 -25.23
N VAL B 197 -7.87 15.03 -25.94
CA VAL B 197 -6.58 14.42 -26.27
C VAL B 197 -5.78 15.37 -27.17
N GLU B 198 -4.48 15.50 -26.90
CA GLU B 198 -3.63 16.44 -27.62
C GLU B 198 -2.75 15.73 -28.63
N TRP B 199 -2.60 16.32 -29.82
CA TRP B 199 -1.80 15.78 -30.91
C TRP B 199 -0.77 16.79 -31.39
N HIS B 200 0.37 16.28 -31.85
CA HIS B 200 1.49 17.11 -32.32
C HIS B 200 1.82 16.71 -33.76
N ILE B 201 3.02 16.16 -34.03
CA ILE B 201 3.38 15.79 -35.40
C ILE B 201 2.65 14.53 -35.83
N SER B 202 2.69 13.48 -35.01
CA SER B 202 1.93 12.27 -35.30
C SER B 202 0.45 12.59 -35.20
N ARG B 203 -0.32 12.17 -36.20
CA ARG B 203 -1.75 12.42 -36.19
C ARG B 203 -2.52 11.16 -35.84
N PRO B 204 -3.79 11.27 -35.42
CA PRO B 204 -4.54 10.09 -34.99
C PRO B 204 -4.54 8.99 -36.06
N GLY B 205 -4.29 7.76 -35.61
CA GLY B 205 -4.30 6.62 -36.51
C GLY B 205 -2.98 6.33 -37.20
N HIS B 206 -1.98 7.19 -37.08
CA HIS B 206 -0.70 7.01 -37.77
C HIS B 206 0.36 6.50 -36.81
N ILE B 207 0.11 5.30 -36.31
CA ILE B 207 0.91 4.72 -35.24
C ILE B 207 2.35 4.49 -35.67
N GLU B 208 2.58 4.33 -36.98
CA GLU B 208 3.92 4.07 -37.49
C GLU B 208 4.86 5.26 -37.30
N THR B 209 4.32 6.46 -37.08
CA THR B 209 5.14 7.64 -36.86
C THR B 209 5.32 7.98 -35.39
N PHE B 210 4.64 7.29 -34.48
CA PHE B 210 4.72 7.60 -33.05
C PHE B 210 6.16 7.47 -32.54
N ASP B 211 6.60 8.47 -31.78
CA ASP B 211 7.95 8.46 -31.21
C ASP B 211 7.99 9.55 -30.13
N LEU B 212 9.12 9.62 -29.43
CA LEU B 212 9.27 10.55 -28.32
C LEU B 212 8.98 12.00 -28.73
N LEU B 213 9.46 12.42 -29.90
CA LEU B 213 9.33 13.82 -30.29
C LEU B 213 8.11 14.10 -31.16
N THR B 214 7.47 13.07 -31.71
CA THR B 214 6.33 13.28 -32.60
C THR B 214 4.97 13.19 -31.90
N LEU B 215 4.85 12.41 -30.83
CA LEU B 215 3.67 12.51 -29.99
C LEU B 215 3.72 13.81 -29.19
N HIS B 216 2.55 14.28 -28.77
CA HIS B 216 2.52 15.50 -27.95
C HIS B 216 3.04 15.19 -26.55
N PRO B 217 3.96 15.99 -26.00
CA PRO B 217 4.49 15.63 -24.66
C PRO B 217 3.42 15.60 -23.58
N ILE B 218 2.38 16.43 -23.68
CA ILE B 218 1.28 16.34 -22.72
C ILE B 218 0.64 14.96 -22.79
N GLU B 219 0.40 14.48 -24.01
CA GLU B 219 -0.34 13.24 -24.18
C GLU B 219 0.53 12.03 -23.87
N ILE B 220 1.84 12.11 -24.13
CA ILE B 220 2.75 11.07 -23.64
C ILE B 220 2.60 10.93 -22.12
N ALA B 221 2.67 12.05 -21.39
CA ALA B 221 2.57 11.98 -19.94
C ALA B 221 1.21 11.46 -19.49
N ARG B 222 0.13 11.90 -20.14
CA ARG B 222 -1.20 11.42 -19.75
C ARG B 222 -1.36 9.92 -19.98
N GLN B 223 -0.95 9.44 -21.16
CA GLN B 223 -1.18 8.03 -21.47
C GLN B 223 -0.28 7.13 -20.63
N LEU B 224 0.96 7.56 -20.36
CA LEU B 224 1.81 6.78 -19.46
C LEU B 224 1.25 6.79 -18.05
N THR B 225 0.64 7.90 -17.64
CA THR B 225 0.04 7.95 -16.30
C THR B 225 -1.16 7.01 -16.19
N LEU B 226 -2.02 6.96 -17.21
CA LEU B 226 -3.11 5.98 -17.21
C LEU B 226 -2.56 4.56 -17.14
N LEU B 227 -1.55 4.25 -17.94
CA LEU B 227 -0.96 2.91 -17.95
C LEU B 227 -0.36 2.58 -16.59
N GLU B 228 0.42 3.52 -16.04
CA GLU B 228 1.11 3.28 -14.77
C GLU B 228 0.14 3.26 -13.60
N SER B 229 -0.94 4.04 -13.67
CA SER B 229 -1.99 3.97 -12.66
C SER B 229 -2.67 2.60 -12.69
N ASP B 230 -3.03 2.12 -13.88
CA ASP B 230 -3.65 0.79 -13.97
C ASP B 230 -2.71 -0.29 -13.44
N LEU B 231 -1.41 -0.20 -13.75
CA LEU B 231 -0.46 -1.19 -13.23
C LEU B 231 -0.38 -1.11 -11.71
N TYR B 232 -0.36 0.10 -11.15
CA TYR B 232 -0.31 0.28 -9.69
C TYR B 232 -1.56 -0.31 -9.03
N ARG B 233 -2.73 -0.01 -9.59
CA ARG B 233 -4.00 -0.43 -9.00
C ARG B 233 -4.21 -1.94 -9.06
N ALA B 234 -3.49 -2.65 -9.93
CA ALA B 234 -3.68 -4.08 -10.09
C ALA B 234 -2.94 -4.92 -9.05
N VAL B 235 -2.04 -4.34 -8.25
CA VAL B 235 -1.23 -5.13 -7.33
C VAL B 235 -2.04 -5.44 -6.07
N GLN B 236 -2.20 -6.72 -5.77
CA GLN B 236 -2.96 -7.17 -4.60
C GLN B 236 -2.03 -7.49 -3.43
N PRO B 237 -2.53 -7.42 -2.20
CA PRO B 237 -1.67 -7.74 -1.05
C PRO B 237 -1.11 -9.15 -1.09
N SER B 238 -1.80 -10.09 -1.74
CA SER B 238 -1.28 -11.45 -1.84
C SER B 238 0.07 -11.51 -2.55
N GLU B 239 0.39 -10.50 -3.34
N GLU B 239 0.38 -10.51 -3.37
CA GLU B 239 1.68 -10.44 -4.02
CA GLU B 239 1.68 -10.47 -4.03
C GLU B 239 2.79 -9.89 -3.15
C GLU B 239 2.79 -9.90 -3.15
N LEU B 240 2.45 -9.43 -1.95
CA LEU B 240 3.38 -8.71 -1.08
C LEU B 240 3.65 -9.43 0.23
N VAL B 241 2.62 -9.97 0.89
CA VAL B 241 2.84 -10.56 2.20
C VAL B 241 3.75 -11.79 2.08
N GLY B 242 4.59 -12.00 3.09
CA GLY B 242 5.54 -13.08 3.00
C GLY B 242 6.73 -12.80 2.12
N SER B 243 6.88 -11.56 1.66
CA SER B 243 7.98 -11.12 0.79
C SER B 243 8.08 -11.98 -0.46
N VAL B 244 6.94 -12.45 -0.98
CA VAL B 244 6.97 -13.47 -2.01
C VAL B 244 7.51 -12.96 -3.34
N TRP B 245 7.53 -11.64 -3.58
CA TRP B 245 8.06 -11.11 -4.83
C TRP B 245 9.59 -11.20 -4.90
N THR B 246 10.25 -11.56 -3.79
CA THR B 246 11.69 -11.75 -3.76
C THR B 246 12.11 -13.21 -3.81
N LYS B 247 11.17 -14.15 -3.71
CA LYS B 247 11.48 -15.56 -3.56
C LYS B 247 11.45 -16.29 -4.90
N GLU B 248 11.80 -17.58 -4.88
CA GLU B 248 12.00 -18.32 -6.13
C GLU B 248 10.75 -18.40 -6.98
N ASP B 249 9.56 -18.40 -6.36
CA ASP B 249 8.31 -18.47 -7.09
C ASP B 249 7.69 -17.09 -7.36
N LYS B 250 8.51 -16.03 -7.40
CA LYS B 250 7.98 -14.68 -7.56
C LYS B 250 7.14 -14.51 -8.82
N GLU B 251 7.48 -15.22 -9.91
CA GLU B 251 6.69 -15.02 -11.13
C GLU B 251 5.28 -15.58 -10.98
N ILE B 252 5.13 -16.60 -10.13
CA ILE B 252 3.81 -17.18 -9.87
C ILE B 252 3.04 -16.32 -8.90
N ASN B 253 3.68 -15.84 -7.85
CA ASN B 253 2.98 -15.22 -6.74
C ASN B 253 2.83 -13.71 -6.86
N SER B 254 3.68 -13.05 -7.65
CA SER B 254 3.65 -11.58 -7.74
C SER B 254 3.64 -11.07 -9.19
N PRO B 255 2.80 -11.63 -10.06
CA PRO B 255 2.88 -11.25 -11.49
C PRO B 255 2.50 -9.81 -11.78
N ASN B 256 1.50 -9.25 -11.07
CA ASN B 256 1.12 -7.87 -11.37
C ASN B 256 2.17 -6.89 -10.86
N LEU B 257 2.75 -7.14 -9.69
CA LEU B 257 3.84 -6.31 -9.22
C LEU B 257 5.00 -6.34 -10.21
N LEU B 258 5.39 -7.54 -10.64
CA LEU B 258 6.55 -7.62 -11.54
C LEU B 258 6.27 -6.94 -12.88
N LYS B 259 5.03 -7.07 -13.40
N LYS B 259 5.04 -7.06 -13.39
CA LYS B 259 4.67 -6.36 -14.63
CA LYS B 259 4.69 -6.36 -14.63
C LYS B 259 4.80 -4.85 -14.44
C LYS B 259 4.81 -4.86 -14.44
N MET B 260 4.39 -4.35 -13.27
CA MET B 260 4.48 -2.93 -13.00
C MET B 260 5.94 -2.47 -12.96
N ILE B 261 6.79 -3.24 -12.27
CA ILE B 261 8.20 -2.86 -12.16
C ILE B 261 8.88 -2.94 -13.53
N ARG B 262 8.55 -3.97 -14.31
CA ARG B 262 9.19 -4.12 -15.61
C ARG B 262 8.79 -3.01 -16.57
N HIS B 263 7.56 -2.50 -16.46
CA HIS B 263 7.20 -1.32 -17.24
C HIS B 263 8.06 -0.13 -16.88
N THR B 264 8.20 0.14 -15.57
CA THR B 264 9.02 1.25 -15.11
C THR B 264 10.46 1.13 -15.60
N THR B 265 11.03 -0.07 -15.50
CA THR B 265 12.39 -0.29 -15.98
C THR B 265 12.49 -0.04 -17.48
N ASN B 266 11.53 -0.55 -18.24
CA ASN B 266 11.57 -0.35 -19.69
C ASN B 266 11.47 1.12 -20.08
N LEU B 267 10.61 1.89 -19.39
CA LEU B 267 10.50 3.30 -19.75
C LEU B 267 11.78 4.06 -19.42
N THR B 268 12.40 3.76 -18.28
CA THR B 268 13.67 4.40 -17.96
C THR B 268 14.71 4.10 -19.02
N LEU B 269 14.81 2.82 -19.41
CA LEU B 269 15.79 2.46 -20.44
C LEU B 269 15.43 3.08 -21.79
N TRP B 270 14.13 3.24 -22.10
CA TRP B 270 13.76 3.88 -23.35
C TRP B 270 14.19 5.34 -23.38
N PHE B 271 14.02 6.05 -22.24
CA PHE B 271 14.50 7.43 -22.15
C PHE B 271 16.00 7.49 -22.39
N GLU B 272 16.77 6.60 -21.73
CA GLU B 272 18.22 6.59 -21.93
C GLU B 272 18.57 6.30 -23.38
N LYS B 273 17.89 5.32 -23.99
CA LYS B 273 18.17 4.97 -25.39
C LYS B 273 17.85 6.13 -26.33
N CYS B 274 16.72 6.81 -26.13
CA CYS B 274 16.41 7.98 -26.97
C CYS B 274 17.51 9.03 -26.88
N ILE B 275 18.05 9.25 -25.68
CA ILE B 275 19.08 10.26 -25.49
C ILE B 275 20.38 9.85 -26.19
N VAL B 276 20.93 8.69 -25.86
CA VAL B 276 22.28 8.38 -26.35
C VAL B 276 22.30 7.94 -27.80
N GLU B 277 21.18 7.49 -28.38
CA GLU B 277 21.16 7.20 -29.81
C GLU B 277 20.91 8.44 -30.66
N THR B 278 20.71 9.59 -30.05
CA THR B 278 20.62 10.87 -30.77
C THR B 278 22.02 11.46 -30.73
N GLU B 279 22.81 11.20 -31.80
CA GLU B 279 24.23 11.55 -31.77
C GLU B 279 24.49 13.03 -32.01
N ASN B 280 23.66 13.71 -32.79
CA ASN B 280 23.81 15.14 -33.00
C ASN B 280 23.50 15.89 -31.70
N LEU B 281 24.40 16.81 -31.31
CA LEU B 281 24.28 17.49 -30.02
C LEU B 281 23.00 18.33 -29.93
N GLU B 282 22.73 19.14 -30.96
CA GLU B 282 21.53 19.96 -30.96
C GLU B 282 20.27 19.11 -30.85
N GLU B 283 20.21 18.01 -31.60
CA GLU B 283 19.03 17.15 -31.52
C GLU B 283 18.93 16.48 -30.15
N ARG B 284 20.07 16.12 -29.56
CA ARG B 284 20.02 15.43 -28.27
C ARG B 284 19.56 16.37 -27.17
N VAL B 285 19.92 17.66 -27.28
CA VAL B 285 19.39 18.66 -26.36
C VAL B 285 17.88 18.75 -26.46
N ALA B 286 17.34 18.70 -27.69
CA ALA B 286 15.89 18.71 -27.85
C ALA B 286 15.25 17.48 -27.23
N VAL B 287 15.90 16.31 -27.36
CA VAL B 287 15.38 15.08 -26.74
C VAL B 287 15.34 15.22 -25.23
N VAL B 288 16.43 15.68 -24.62
CA VAL B 288 16.45 15.79 -23.15
C VAL B 288 15.44 16.82 -22.68
N SER B 289 15.35 17.94 -23.39
N SER B 289 15.35 17.94 -23.39
CA SER B 289 14.39 18.98 -23.05
CA SER B 289 14.38 18.97 -23.02
C SER B 289 12.96 18.44 -23.10
C SER B 289 12.96 18.43 -23.09
N ARG B 290 12.66 17.60 -24.10
CA ARG B 290 11.32 17.03 -24.18
C ARG B 290 11.03 16.08 -23.02
N ILE B 291 12.05 15.33 -22.60
CA ILE B 291 11.87 14.41 -21.48
C ILE B 291 11.61 15.18 -20.18
N ILE B 292 12.28 16.31 -20.00
CA ILE B 292 12.02 17.12 -18.80
C ILE B 292 10.63 17.75 -18.86
N GLU B 293 10.13 18.07 -20.05
CA GLU B 293 8.75 18.54 -20.17
C GLU B 293 7.77 17.43 -19.79
N ILE B 294 8.04 16.21 -20.20
CA ILE B 294 7.19 15.08 -19.78
C ILE B 294 7.23 14.94 -18.27
N LEU B 295 8.42 15.08 -17.67
N LEU B 295 8.42 15.06 -17.68
CA LEU B 295 8.53 15.03 -16.21
CA LEU B 295 8.56 15.07 -16.22
C LEU B 295 7.67 16.12 -15.56
C LEU B 295 7.65 16.10 -15.59
N GLN B 296 7.65 17.32 -16.14
CA GLN B 296 6.82 18.39 -15.60
C GLN B 296 5.34 18.01 -15.57
N VAL B 297 4.85 17.35 -16.63
CA VAL B 297 3.45 16.94 -16.64
C VAL B 297 3.21 15.80 -15.67
N PHE B 298 4.17 14.87 -15.55
CA PHE B 298 4.08 13.84 -14.52
C PHE B 298 3.91 14.47 -13.13
N GLN B 299 4.70 15.50 -12.83
CA GLN B 299 4.54 16.20 -11.56
C GLN B 299 3.15 16.78 -11.40
N GLU B 300 2.64 17.44 -12.46
CA GLU B 300 1.31 18.05 -12.38
C GLU B 300 0.23 17.01 -12.15
N LEU B 301 0.43 15.79 -12.65
CA LEU B 301 -0.54 14.70 -12.50
C LEU B 301 -0.33 13.88 -11.23
N ASN B 302 0.65 14.22 -10.38
CA ASN B 302 0.99 13.40 -9.21
C ASN B 302 1.37 11.98 -9.60
N ASN B 303 2.00 11.80 -10.77
CA ASN B 303 2.49 10.48 -11.15
C ASN B 303 3.94 10.40 -10.68
N PHE B 304 4.13 9.99 -9.43
CA PHE B 304 5.47 9.94 -8.86
C PHE B 304 6.28 8.79 -9.41
N ASN B 305 5.63 7.69 -9.80
CA ASN B 305 6.34 6.64 -10.51
C ASN B 305 6.98 7.20 -11.78
N GLY B 306 6.21 7.98 -12.54
CA GLY B 306 6.73 8.60 -13.76
C GLY B 306 7.84 9.59 -13.48
N VAL B 307 7.68 10.43 -12.46
CA VAL B 307 8.74 11.35 -12.06
C VAL B 307 10.05 10.58 -11.83
N LEU B 308 9.98 9.48 -11.10
CA LEU B 308 11.22 8.78 -10.77
C LEU B 308 11.76 8.00 -11.97
N GLU B 309 10.90 7.57 -12.89
CA GLU B 309 11.38 6.97 -14.14
C GLU B 309 12.30 7.92 -14.88
N VAL B 310 11.93 9.19 -14.93
CA VAL B 310 12.75 10.20 -15.61
C VAL B 310 14.02 10.49 -14.81
N VAL B 311 13.87 10.70 -13.49
CA VAL B 311 15.03 10.98 -12.64
C VAL B 311 16.04 9.84 -12.73
N SER B 312 15.57 8.59 -12.70
CA SER B 312 16.49 7.45 -12.81
C SER B 312 17.23 7.47 -14.14
N ALA B 313 16.56 7.86 -15.22
CA ALA B 313 17.25 7.92 -16.52
C ALA B 313 18.29 9.03 -16.52
N MET B 314 17.95 10.20 -15.96
CA MET B 314 18.90 11.32 -16.01
C MET B 314 20.09 11.11 -15.09
N ASN B 315 19.97 10.23 -14.09
CA ASN B 315 21.07 9.89 -13.19
C ASN B 315 21.80 8.62 -13.60
N SER B 316 21.40 7.98 -14.69
CA SER B 316 22.07 6.75 -15.12
C SER B 316 23.47 7.09 -15.63
N SER B 317 24.37 6.10 -15.54
CA SER B 317 25.73 6.31 -16.02
C SER B 317 25.82 6.83 -17.46
N PRO B 318 25.04 6.34 -18.43
CA PRO B 318 25.21 6.87 -19.80
C PRO B 318 24.78 8.32 -19.96
N VAL B 319 23.78 8.76 -19.22
CA VAL B 319 23.22 10.11 -19.42
C VAL B 319 23.88 11.14 -18.52
N TYR B 320 24.17 10.74 -17.27
CA TYR B 320 24.66 11.69 -16.27
C TYR B 320 25.92 12.41 -16.73
N ARG B 321 26.78 11.72 -17.48
CA ARG B 321 28.09 12.27 -17.86
C ARG B 321 28.04 13.19 -19.08
N LEU B 322 26.88 13.45 -19.68
CA LEU B 322 26.81 14.20 -20.95
C LEU B 322 26.80 15.72 -20.68
N ASP B 323 27.97 16.22 -20.26
CA ASP B 323 28.12 17.61 -19.86
C ASP B 323 27.81 18.59 -21.00
N HIS B 324 28.17 18.25 -22.24
CA HIS B 324 27.90 19.18 -23.33
C HIS B 324 26.40 19.34 -23.58
N THR B 325 25.64 18.28 -23.35
CA THR B 325 24.19 18.34 -23.45
C THR B 325 23.61 19.14 -22.29
N PHE B 326 24.07 18.84 -21.08
CA PHE B 326 23.67 19.58 -19.88
C PHE B 326 23.86 21.08 -20.06
N GLU B 327 24.99 21.49 -20.66
CA GLU B 327 25.29 22.92 -20.75
C GLU B 327 24.22 23.68 -21.52
N GLN B 328 23.53 23.05 -22.46
CA GLN B 328 22.57 23.76 -23.30
C GLN B 328 21.13 23.67 -22.78
N ILE B 329 20.88 22.93 -21.72
CA ILE B 329 19.51 22.82 -21.19
C ILE B 329 19.13 24.14 -20.52
N PRO B 330 17.95 24.70 -20.80
CA PRO B 330 17.56 25.97 -20.18
C PRO B 330 17.55 25.88 -18.65
N SER B 331 17.91 26.99 -18.01
N SER B 331 17.83 27.02 -18.01
CA SER B 331 18.04 27.03 -16.56
CA SER B 331 17.88 27.07 -16.55
C SER B 331 16.76 26.58 -15.87
C SER B 331 16.57 26.61 -15.93
N ARG B 332 15.61 26.98 -16.41
N ARG B 332 15.43 27.02 -16.50
CA ARG B 332 14.34 26.62 -15.77
CA ARG B 332 14.15 26.65 -15.90
C ARG B 332 14.16 25.10 -15.77
C ARG B 332 13.91 25.15 -15.95
N GLN B 333 14.62 24.42 -16.83
CA GLN B 333 14.47 22.98 -16.89
C GLN B 333 15.46 22.27 -15.99
N LYS B 334 16.67 22.83 -15.83
CA LYS B 334 17.57 22.32 -14.81
C LYS B 334 16.92 22.39 -13.44
N LYS B 335 16.17 23.46 -13.18
CA LYS B 335 15.54 23.61 -11.88
C LYS B 335 14.43 22.59 -11.67
N ILE B 336 13.64 22.31 -12.71
CA ILE B 336 12.61 21.28 -12.64
C ILE B 336 13.23 19.93 -12.32
N LEU B 337 14.32 19.60 -13.00
CA LEU B 337 14.97 18.31 -12.75
C LEU B 337 15.57 18.27 -11.35
N GLU B 338 16.16 19.38 -10.90
CA GLU B 338 16.75 19.43 -9.57
C GLU B 338 15.69 19.18 -8.50
N GLU B 339 14.54 19.84 -8.63
N GLU B 339 14.56 19.88 -8.60
CA GLU B 339 13.51 19.68 -7.61
CA GLU B 339 13.47 19.68 -7.65
C GLU B 339 12.86 18.29 -7.67
C GLU B 339 13.02 18.22 -7.64
N ALA B 340 12.85 17.65 -8.84
CA ALA B 340 12.42 16.26 -8.92
C ALA B 340 13.43 15.33 -8.25
N HIS B 341 14.72 15.56 -8.49
CA HIS B 341 15.76 14.74 -7.85
C HIS B 341 15.72 14.90 -6.33
N GLU B 342 15.41 16.10 -5.85
CA GLU B 342 15.40 16.34 -4.42
C GLU B 342 14.31 15.54 -3.70
N LEU B 343 13.27 15.09 -4.41
CA LEU B 343 12.28 14.22 -3.76
C LEU B 343 12.90 12.94 -3.24
N SER B 344 13.94 12.43 -3.91
CA SER B 344 14.54 11.15 -3.56
C SER B 344 15.64 11.26 -2.51
N GLU B 345 16.16 12.47 -2.28
CA GLU B 345 17.27 12.67 -1.36
C GLU B 345 16.87 12.33 0.07
N ASP B 346 17.89 12.05 0.90
CA ASP B 346 17.68 11.76 2.32
C ASP B 346 16.62 10.69 2.52
N HIS B 347 16.77 9.57 1.80
CA HIS B 347 15.88 8.43 1.94
C HIS B 347 14.43 8.82 1.65
N TYR B 348 14.25 9.57 0.55
CA TYR B 348 12.94 9.96 0.02
C TYR B 348 12.16 10.86 0.98
N LYS B 349 12.87 11.63 1.82
CA LYS B 349 12.18 12.46 2.81
C LYS B 349 11.15 13.39 2.17
N LYS B 350 11.54 14.12 1.12
CA LYS B 350 10.59 15.07 0.53
C LYS B 350 9.51 14.36 -0.28
N TYR B 351 9.84 13.24 -0.91
CA TYR B 351 8.81 12.45 -1.60
C TYR B 351 7.72 12.00 -0.63
N LEU B 352 8.13 11.44 0.52
CA LEU B 352 7.13 10.93 1.46
C LEU B 352 6.21 12.05 1.94
N ALA B 353 6.77 13.23 2.22
CA ALA B 353 5.95 14.35 2.65
C ALA B 353 5.04 14.83 1.52
N LYS B 354 5.52 14.84 0.27
CA LYS B 354 4.69 15.30 -0.83
C LYS B 354 3.55 14.33 -1.11
N LEU B 355 3.83 13.02 -1.09
CA LEU B 355 2.78 12.02 -1.29
C LEU B 355 1.64 12.22 -0.29
N ARG B 356 1.98 12.50 0.95
CA ARG B 356 1.00 12.64 2.02
C ARG B 356 0.31 14.00 2.01
N SER B 357 0.72 14.90 1.12
CA SER B 357 0.10 16.21 1.06
C SER B 357 -0.76 16.45 -0.17
N ILE B 358 -0.57 15.69 -1.26
CA ILE B 358 -1.29 16.01 -2.49
C ILE B 358 -2.75 15.55 -2.43
N ASN B 359 -3.53 15.97 -3.42
CA ASN B 359 -4.90 15.52 -3.58
C ASN B 359 -4.91 14.43 -4.63
N PRO B 360 -5.24 13.19 -4.29
CA PRO B 360 -5.27 12.13 -5.30
C PRO B 360 -6.29 12.44 -6.38
N PRO B 361 -6.20 11.78 -7.55
CA PRO B 361 -5.40 10.59 -7.85
C PRO B 361 -3.90 10.83 -7.96
N CYS B 362 -3.13 9.79 -7.64
CA CYS B 362 -1.68 9.81 -7.79
C CYS B 362 -1.23 8.41 -8.16
N VAL B 363 0.02 8.30 -8.59
CA VAL B 363 0.68 7.01 -8.77
C VAL B 363 1.92 6.98 -7.87
N PRO B 364 1.85 6.31 -6.73
CA PRO B 364 3.02 6.23 -5.86
C PRO B 364 4.17 5.48 -6.53
N PHE B 365 5.37 5.74 -6.02
CA PHE B 365 6.51 4.87 -6.29
C PHE B 365 6.42 3.64 -5.40
N PHE B 366 6.41 2.43 -5.99
CA PHE B 366 6.18 1.23 -5.19
C PHE B 366 7.40 0.77 -4.41
N GLY B 367 8.61 1.15 -4.84
CA GLY B 367 9.80 0.52 -4.29
C GLY B 367 9.96 0.73 -2.80
N ILE B 368 9.58 1.90 -2.29
CA ILE B 368 9.71 2.16 -0.85
C ILE B 368 8.84 1.20 -0.07
N TYR B 369 7.61 0.96 -0.55
CA TYR B 369 6.73 0.01 0.13
C TYR B 369 7.36 -1.38 0.18
N LEU B 370 7.99 -1.80 -0.92
CA LEU B 370 8.59 -3.12 -0.98
C LEU B 370 9.70 -3.25 0.06
N THR B 371 10.59 -2.28 0.12
CA THR B 371 11.67 -2.33 1.10
C THR B 371 11.12 -2.33 2.54
N ASN B 372 10.08 -1.53 2.80
CA ASN B 372 9.56 -1.48 4.17
C ASN B 372 8.85 -2.77 4.56
N ILE B 373 8.11 -3.40 3.63
CA ILE B 373 7.50 -4.69 3.94
C ILE B 373 8.56 -5.75 4.19
N LEU B 374 9.56 -5.82 3.31
N LEU B 374 9.56 -5.82 3.30
CA LEU B 374 10.62 -6.82 3.44
CA LEU B 374 10.61 -6.82 3.45
C LEU B 374 11.37 -6.66 4.76
C LEU B 374 11.35 -6.66 4.78
N LYS B 375 11.73 -5.43 5.11
CA LYS B 375 12.50 -5.22 6.34
C LYS B 375 11.66 -5.45 7.59
N THR B 376 10.36 -5.13 7.52
CA THR B 376 9.49 -5.44 8.64
C THR B 376 9.39 -6.95 8.86
N GLU B 377 9.27 -7.70 7.76
N GLU B 377 9.31 -7.71 7.76
CA GLU B 377 9.22 -9.17 7.86
CA GLU B 377 9.20 -9.16 7.91
C GLU B 377 10.52 -9.71 8.42
C GLU B 377 10.51 -9.80 8.33
N GLU B 378 11.64 -9.24 7.88
CA GLU B 378 12.93 -9.83 8.23
C GLU B 378 13.39 -9.41 9.63
N GLY B 379 12.98 -8.24 10.09
CA GLY B 379 13.51 -7.67 11.31
C GLY B 379 12.71 -7.90 12.57
N ASN B 380 11.64 -8.70 12.49
CA ASN B 380 10.79 -8.97 13.64
C ASN B 380 10.51 -10.47 13.72
N PRO B 381 10.46 -11.03 14.93
CA PRO B 381 10.26 -12.49 15.05
C PRO B 381 8.81 -12.88 14.82
N GLU B 382 8.64 -14.11 14.32
CA GLU B 382 7.30 -14.65 14.10
C GLU B 382 6.56 -14.85 15.42
N VAL B 383 7.27 -15.25 16.48
CA VAL B 383 6.62 -15.53 17.76
C VAL B 383 7.35 -14.80 18.88
N LEU B 384 6.62 -14.55 19.97
CA LEU B 384 7.21 -14.08 21.21
C LEU B 384 7.06 -15.18 22.25
N LYS B 385 8.12 -15.43 23.02
CA LYS B 385 8.10 -16.47 24.03
C LYS B 385 7.83 -15.83 25.39
N ARG B 386 6.76 -16.28 26.05
CA ARG B 386 6.31 -15.69 27.30
C ARG B 386 5.79 -16.81 28.18
N HIS B 387 6.33 -16.89 29.40
CA HIS B 387 5.86 -17.86 30.40
C HIS B 387 5.83 -19.28 29.84
N GLY B 388 6.86 -19.63 29.07
CA GLY B 388 6.95 -20.95 28.47
C GLY B 388 6.08 -21.18 27.25
N LYS B 389 5.29 -20.20 26.83
CA LYS B 389 4.39 -20.34 25.69
C LYS B 389 4.93 -19.57 24.50
N GLU B 390 4.59 -20.03 23.31
CA GLU B 390 4.90 -19.30 22.09
C GLU B 390 3.63 -18.59 21.64
N LEU B 391 3.69 -17.25 21.58
CA LEU B 391 2.57 -16.43 21.15
C LEU B 391 2.86 -15.86 19.78
N ILE B 392 1.83 -15.80 18.93
CA ILE B 392 2.01 -15.16 17.62
C ILE B 392 2.31 -13.68 17.83
N ASN B 393 3.40 -13.21 17.20
CA ASN B 393 3.76 -11.80 17.25
C ASN B 393 2.85 -11.03 16.30
N PHE B 394 1.71 -10.54 16.81
CA PHE B 394 0.77 -9.90 15.91
C PHE B 394 1.18 -8.47 15.55
N SER B 395 1.93 -7.80 16.43
N SER B 395 1.94 -7.80 16.43
N SER B 395 1.94 -7.79 16.41
CA SER B 395 2.39 -6.45 16.12
CA SER B 395 2.40 -6.46 16.14
CA SER B 395 2.37 -6.43 16.11
C SER B 395 3.15 -6.41 14.80
C SER B 395 3.17 -6.40 14.83
C SER B 395 3.20 -6.38 14.82
N LYS B 396 3.93 -7.46 14.51
CA LYS B 396 4.66 -7.50 13.25
C LYS B 396 3.70 -7.54 12.07
N ARG B 397 2.61 -8.31 12.19
CA ARG B 397 1.64 -8.38 11.10
C ARG B 397 0.87 -7.07 10.95
N ARG B 398 0.54 -6.43 12.08
CA ARG B 398 -0.11 -5.12 11.99
C ARG B 398 0.76 -4.12 11.23
N LYS B 399 2.07 -4.15 11.46
CA LYS B 399 2.96 -3.22 10.73
C LYS B 399 2.95 -3.49 9.24
N VAL B 400 2.98 -4.77 8.83
CA VAL B 400 2.89 -5.09 7.42
C VAL B 400 1.57 -4.61 6.84
N ALA B 401 0.46 -4.84 7.55
CA ALA B 401 -0.84 -4.44 7.05
C ALA B 401 -1.04 -2.92 7.05
N GLU B 402 -0.28 -2.19 7.87
CA GLU B 402 -0.35 -0.74 7.75
C GLU B 402 0.21 -0.28 6.40
N ILE B 403 1.25 -0.96 5.93
CA ILE B 403 1.81 -0.65 4.62
C ILE B 403 0.87 -1.07 3.50
N THR B 404 0.33 -2.30 3.56
CA THR B 404 -0.59 -2.69 2.49
C THR B 404 -1.84 -1.84 2.51
N GLY B 405 -2.27 -1.38 3.69
CA GLY B 405 -3.40 -0.46 3.76
C GLY B 405 -3.11 0.87 3.08
N GLU B 406 -1.90 1.39 3.26
N GLU B 406 -1.91 1.40 3.27
CA GLU B 406 -1.54 2.65 2.60
CA GLU B 406 -1.55 2.65 2.59
C GLU B 406 -1.49 2.50 1.09
C GLU B 406 -1.57 2.46 1.09
N ILE B 407 -0.98 1.36 0.61
CA ILE B 407 -1.01 1.06 -0.82
C ILE B 407 -2.44 1.07 -1.34
N GLN B 408 -3.34 0.35 -0.64
CA GLN B 408 -4.71 0.23 -1.10
C GLN B 408 -5.41 1.58 -1.13
N GLN B 409 -5.10 2.47 -0.18
CA GLN B 409 -5.79 3.76 -0.13
C GLN B 409 -5.55 4.56 -1.40
N TYR B 410 -4.33 4.49 -1.95
CA TYR B 410 -4.06 5.21 -3.20
C TYR B 410 -4.52 4.45 -4.43
N GLN B 411 -5.00 3.21 -4.30
CA GLN B 411 -5.50 2.47 -5.44
C GLN B 411 -6.96 2.77 -5.75
N ASN B 412 -7.62 3.60 -4.94
CA ASN B 412 -9.07 3.77 -5.08
C ASN B 412 -9.41 4.82 -6.14
N GLN B 413 -8.63 5.89 -6.25
CA GLN B 413 -9.03 7.08 -6.99
C GLN B 413 -8.66 6.94 -8.47
N PRO B 414 -9.61 7.03 -9.38
CA PRO B 414 -9.29 6.94 -10.82
C PRO B 414 -8.94 8.30 -11.42
N TYR B 415 -8.10 8.26 -12.46
CA TYR B 415 -7.77 9.47 -13.21
C TYR B 415 -8.87 9.84 -14.19
N CYS B 416 -9.20 11.13 -14.24
CA CYS B 416 -10.16 11.66 -15.20
C CYS B 416 -9.39 12.07 -16.47
N LEU B 417 -8.93 11.05 -17.19
CA LEU B 417 -8.20 11.22 -18.43
C LEU B 417 -8.70 10.18 -19.42
N ARG B 418 -8.80 10.58 -20.69
CA ARG B 418 -9.31 9.68 -21.72
C ARG B 418 -8.18 8.82 -22.28
N VAL B 419 -8.46 7.52 -22.45
CA VAL B 419 -7.49 6.62 -23.06
C VAL B 419 -7.44 6.90 -24.56
N GLU B 420 -6.24 6.87 -25.12
CA GLU B 420 -6.02 6.86 -26.57
C GLU B 420 -5.44 5.48 -26.88
N SER B 421 -6.23 4.63 -27.54
N SER B 421 -6.23 4.62 -27.52
CA SER B 421 -5.89 3.21 -27.62
CA SER B 421 -5.87 3.21 -27.59
C SER B 421 -4.58 2.98 -28.37
C SER B 421 -4.58 2.97 -28.37
N ASP B 422 -4.32 3.77 -29.42
CA ASP B 422 -3.09 3.59 -30.18
C ASP B 422 -1.87 4.05 -29.39
N ILE B 423 -1.96 5.19 -28.68
CA ILE B 423 -0.82 5.62 -27.88
C ILE B 423 -0.59 4.65 -26.74
N LYS B 424 -1.67 4.16 -26.12
N LYS B 424 -1.68 4.16 -26.12
CA LYS B 424 -1.55 3.14 -25.08
CA LYS B 424 -1.57 3.13 -25.08
C LYS B 424 -0.82 1.91 -25.60
C LYS B 424 -0.81 1.91 -25.60
N ARG B 425 -1.21 1.41 -26.77
CA ARG B 425 -0.57 0.22 -27.33
C ARG B 425 0.91 0.47 -27.61
N PHE B 426 1.24 1.67 -28.11
CA PHE B 426 2.64 2.02 -28.37
C PHE B 426 3.48 1.86 -27.11
N PHE B 427 2.99 2.39 -25.98
CA PHE B 427 3.79 2.29 -24.76
C PHE B 427 3.70 0.91 -24.13
N GLU B 428 2.60 0.17 -24.33
CA GLU B 428 2.56 -1.21 -23.85
C GLU B 428 3.58 -2.09 -24.56
N ASN B 429 3.86 -1.80 -25.83
CA ASN B 429 4.72 -2.65 -26.64
C ASN B 429 6.15 -2.15 -26.70
N LEU B 430 6.46 -1.05 -26.01
CA LEU B 430 7.83 -0.54 -25.96
C LEU B 430 8.79 -1.62 -25.49
N ASN B 431 9.90 -1.80 -26.21
CA ASN B 431 10.87 -2.85 -25.92
C ASN B 431 12.28 -2.37 -26.28
N PRO B 432 12.83 -1.42 -25.51
CA PRO B 432 14.12 -0.84 -25.89
C PRO B 432 15.28 -1.84 -25.96
N MET B 433 15.27 -2.88 -25.13
CA MET B 433 16.35 -3.85 -25.15
C MET B 433 16.27 -4.83 -26.32
N GLY B 434 15.11 -4.93 -26.98
CA GLY B 434 15.00 -5.89 -28.08
C GLY B 434 15.27 -7.31 -27.58
N ASN B 435 16.08 -8.06 -28.34
CA ASN B 435 16.46 -9.40 -27.92
C ASN B 435 17.74 -9.43 -27.09
N SER B 436 18.30 -8.26 -26.76
CA SER B 436 19.56 -8.23 -26.04
C SER B 436 19.35 -8.51 -24.55
N MET B 437 20.35 -9.15 -23.94
CA MET B 437 20.34 -9.29 -22.50
C MET B 437 20.70 -7.97 -21.82
N GLU B 438 20.41 -7.88 -20.52
CA GLU B 438 20.55 -6.62 -19.79
C GLU B 438 21.99 -6.08 -19.81
N LYS B 439 22.97 -6.93 -19.49
CA LYS B 439 24.34 -6.43 -19.42
C LYS B 439 24.80 -5.93 -20.78
N GLU B 440 24.55 -6.73 -21.84
CA GLU B 440 24.86 -6.37 -23.22
C GLU B 440 24.22 -5.04 -23.60
N PHE B 441 22.96 -4.83 -23.20
CA PHE B 441 22.29 -3.60 -23.58
C PHE B 441 22.80 -2.40 -22.80
N THR B 442 23.02 -2.54 -21.48
CA THR B 442 23.46 -1.37 -20.74
C THR B 442 24.93 -1.04 -21.03
N ASP B 443 25.74 -2.05 -21.39
CA ASP B 443 27.07 -1.74 -21.92
C ASP B 443 26.96 -0.99 -23.24
N TYR B 444 26.01 -1.38 -24.10
CA TYR B 444 25.82 -0.67 -25.36
C TYR B 444 25.47 0.80 -25.13
N LEU B 445 24.54 1.07 -24.20
CA LEU B 445 24.18 2.45 -23.92
C LEU B 445 25.37 3.26 -23.43
N PHE B 446 26.22 2.66 -22.58
CA PHE B 446 27.35 3.40 -22.06
C PHE B 446 28.38 3.65 -23.15
N ASN B 447 28.60 2.66 -24.03
CA ASN B 447 29.54 2.87 -25.13
C ASN B 447 29.01 3.93 -26.11
N LYS B 448 27.69 4.01 -26.29
N LYS B 448 27.69 4.02 -26.26
CA LYS B 448 27.15 5.11 -27.11
CA LYS B 448 27.10 5.07 -27.07
C LYS B 448 27.44 6.45 -26.44
C LYS B 448 27.36 6.44 -26.45
N SER B 449 27.27 6.53 -25.12
CA SER B 449 27.58 7.76 -24.41
C SER B 449 29.03 8.18 -24.66
N LEU B 450 29.96 7.22 -24.55
CA LEU B 450 31.36 7.51 -24.82
C LEU B 450 31.59 7.94 -26.26
N GLU B 451 30.82 7.39 -27.20
CA GLU B 451 31.01 7.76 -28.60
C GLU B 451 30.57 9.21 -28.86
N ILE B 452 29.41 9.59 -28.34
CA ILE B 452 28.84 10.89 -28.67
C ILE B 452 29.48 12.03 -27.86
N GLU B 453 30.00 11.75 -26.65
CA GLU B 453 30.75 12.75 -25.89
C GLU B 453 31.94 12.05 -25.25
N PRO B 454 33.06 11.98 -25.97
CA PRO B 454 34.23 11.21 -25.47
C PRO B 454 34.81 11.82 -24.21
N ARG B 455 35.47 10.97 -23.41
N ARG B 455 35.46 10.97 -23.41
CA ARG B 455 36.17 11.43 -22.22
CA ARG B 455 36.18 11.41 -22.21
C ARG B 455 37.28 12.41 -22.60
C ARG B 455 37.27 12.40 -22.59
N ASN B 456 37.40 13.47 -21.82
CA ASN B 456 38.52 14.38 -21.99
C ASN B 456 39.83 13.61 -21.82
N PRO B 457 40.88 13.93 -22.59
CA PRO B 457 41.01 15.05 -23.53
C PRO B 457 40.66 14.75 -24.99
N LYS B 458 39.92 13.67 -25.25
CA LYS B 458 39.54 13.37 -26.62
C LYS B 458 38.62 14.48 -27.14
N PRO B 459 38.78 14.91 -28.38
CA PRO B 459 37.94 16.00 -28.90
C PRO B 459 36.50 15.56 -29.07
N LEU B 460 35.61 16.53 -29.00
CA LEU B 460 34.18 16.27 -29.22
C LEU B 460 33.92 16.20 -30.71
N PRO B 461 33.45 15.08 -31.24
CA PRO B 461 33.12 15.01 -32.66
C PRO B 461 31.80 15.70 -32.97
N ARG B 462 31.55 15.86 -34.27
CA ARG B 462 30.26 16.30 -34.79
C ARG B 462 29.55 15.11 -35.43
N PHE B 463 28.22 15.14 -35.42
CA PHE B 463 27.40 14.06 -35.96
C PHE B 463 26.26 14.62 -36.78
N PRO B 464 25.83 13.91 -37.83
CA PRO B 464 24.70 14.39 -38.64
C PRO B 464 23.36 14.30 -37.92
N LYS B 465 22.43 15.16 -38.32
CA LYS B 465 21.07 15.09 -37.83
C LYS B 465 20.38 13.80 -38.26
N LYS B 466 19.48 13.29 -37.42
CA LYS B 466 18.70 12.11 -37.74
C LYS B 466 17.21 12.37 -37.88
N TYR B 467 16.69 13.50 -37.41
CA TYR B 467 15.25 13.78 -37.44
C TYR B 467 14.94 14.74 -38.58
N SER B 468 13.96 14.40 -39.41
CA SER B 468 13.60 15.25 -40.54
C SER B 468 12.46 16.21 -40.22
N TYR B 469 11.85 16.11 -39.05
CA TYR B 469 10.72 16.93 -38.66
C TYR B 469 11.15 18.01 -37.67
N PRO B 470 10.30 19.02 -37.42
CA PRO B 470 10.70 20.10 -36.50
C PRO B 470 10.95 19.58 -35.09
N LEU B 471 11.98 20.13 -34.45
CA LEU B 471 12.35 19.77 -33.08
C LEU B 471 11.68 20.65 -32.03
N LYS B 472 11.04 21.74 -32.44
CA LYS B 472 10.46 22.68 -31.48
C LYS B 472 9.31 22.01 -30.72
N SER B 473 9.35 22.10 -29.40
CA SER B 473 8.28 21.51 -28.60
C SER B 473 7.00 22.33 -28.72
N PRO B 474 5.83 21.69 -28.70
CA PRO B 474 4.58 22.46 -28.60
C PRO B 474 4.30 22.95 -27.18
N GLY B 475 5.13 22.59 -26.21
CA GLY B 475 4.94 23.00 -24.83
C GLY B 475 4.02 22.07 -24.08
N VAL B 476 3.89 22.32 -22.78
CA VAL B 476 3.10 21.43 -21.94
C VAL B 476 1.91 22.14 -21.28
N ARG B 477 1.54 23.30 -21.77
CA ARG B 477 0.27 23.86 -21.31
C ARG B 477 -0.86 23.44 -22.26
N PRO B 478 -1.97 22.92 -21.73
CA PRO B 478 -3.00 22.33 -22.60
C PRO B 478 -3.78 23.39 -23.38
N SER B 479 -4.34 22.94 -24.49
CA SER B 479 -5.16 23.77 -25.37
C SER B 479 -6.61 23.33 -25.23
N ASN B 480 -7.53 24.24 -25.60
CA ASN B 480 -8.96 23.94 -25.46
C ASN B 480 -9.74 24.66 -26.53
N PRO B 481 -10.00 24.01 -27.67
CA PRO B 481 -10.97 24.54 -28.62
C PRO B 481 -12.38 24.33 -28.10
N ARG B 482 -13.34 25.01 -28.74
CA ARG B 482 -14.73 24.87 -28.34
C ARG B 482 -15.20 23.44 -28.64
N GLY C 1 30.33 18.89 12.80
CA GLY C 1 31.24 18.23 13.73
C GLY C 1 31.80 16.92 13.22
N MET C 2 31.09 15.83 13.50
CA MET C 2 31.61 14.51 13.17
C MET C 2 31.36 14.16 11.71
N THR C 3 32.22 13.31 11.18
CA THR C 3 32.13 12.88 9.80
C THR C 3 30.94 11.95 9.63
N GLU C 4 30.23 12.11 8.51
CA GLU C 4 29.17 11.19 8.12
C GLU C 4 29.64 10.39 6.91
N TYR C 5 29.49 9.08 6.98
CA TYR C 5 29.83 8.19 5.88
C TYR C 5 28.54 7.66 5.25
N LYS C 6 28.41 7.83 3.95
CA LYS C 6 27.26 7.30 3.20
C LYS C 6 27.64 5.93 2.65
N LEU C 7 27.07 4.88 3.21
CA LEU C 7 27.36 3.51 2.82
C LEU C 7 26.18 2.93 2.07
N VAL C 8 26.47 2.11 1.05
CA VAL C 8 25.43 1.50 0.21
C VAL C 8 25.62 -0.01 0.21
N VAL C 9 24.55 -0.74 0.50
CA VAL C 9 24.54 -2.21 0.46
C VAL C 9 23.99 -2.64 -0.89
N VAL C 10 24.72 -3.52 -1.59
CA VAL C 10 24.28 -4.03 -2.88
C VAL C 10 24.41 -5.54 -2.90
N GLY C 11 23.57 -6.20 -3.69
CA GLY C 11 23.66 -7.65 -3.83
C GLY C 11 22.34 -8.25 -4.23
N ALA C 12 22.39 -9.55 -4.57
CA ALA C 12 21.22 -10.27 -5.04
C ALA C 12 20.10 -10.25 -4.00
N GLY C 13 18.86 -10.25 -4.47
CA GLY C 13 17.73 -10.31 -3.58
C GLY C 13 17.35 -11.74 -3.20
N GLY C 14 16.38 -11.83 -2.27
CA GLY C 14 15.80 -13.10 -1.88
C GLY C 14 16.69 -14.00 -1.05
N VAL C 15 17.84 -13.52 -0.59
CA VAL C 15 18.76 -14.39 0.14
C VAL C 15 19.27 -13.74 1.42
N GLY C 16 18.43 -12.93 2.07
CA GLY C 16 18.74 -12.46 3.42
C GLY C 16 19.67 -11.27 3.53
N LYS C 17 19.95 -10.57 2.43
CA LYS C 17 20.83 -9.41 2.43
C LYS C 17 20.45 -8.38 3.49
N SER C 18 19.15 -8.17 3.71
CA SER C 18 18.69 -7.10 4.60
C SER C 18 19.07 -7.32 6.06
N ALA C 19 19.41 -8.57 6.44
CA ALA C 19 19.74 -8.84 7.83
C ALA C 19 21.00 -8.11 8.27
N LEU C 20 21.90 -7.83 7.33
N LEU C 20 21.89 -7.79 7.32
CA LEU C 20 23.14 -7.12 7.65
CA LEU C 20 23.15 -7.14 7.69
C LEU C 20 22.85 -5.79 8.34
C LEU C 20 22.90 -5.77 8.32
N THR C 21 22.13 -4.91 7.65
CA THR C 21 21.89 -3.58 8.20
C THR C 21 20.92 -3.62 9.38
N ILE C 22 19.90 -4.50 9.31
CA ILE C 22 18.96 -4.60 10.42
C ILE C 22 19.69 -4.97 11.70
N GLN C 23 20.59 -5.95 11.64
CA GLN C 23 21.27 -6.38 12.85
C GLN C 23 22.20 -5.30 13.39
N LEU C 24 22.85 -4.56 12.50
CA LEU C 24 23.72 -3.47 12.93
C LEU C 24 22.92 -2.40 13.65
N ILE C 25 21.95 -1.81 12.94
CA ILE C 25 21.19 -0.65 13.38
C ILE C 25 20.24 -1.02 14.48
N GLN C 26 19.85 -2.30 14.55
CA GLN C 26 18.91 -2.76 15.56
C GLN C 26 19.34 -2.26 16.92
N ASN C 27 18.35 -2.07 17.79
CA ASN C 27 18.61 -2.39 19.18
C ASN C 27 19.30 -3.73 19.10
N HIS C 28 20.64 -3.75 19.20
CA HIS C 28 21.38 -5.01 19.08
C HIS C 28 20.68 -6.11 19.86
N PHE C 29 20.23 -5.79 21.08
CA PHE C 29 19.77 -6.77 22.06
C PHE C 29 18.26 -6.92 22.14
N VAL C 30 17.48 -6.24 21.32
CA VAL C 30 16.06 -6.53 21.22
C VAL C 30 15.74 -6.73 19.75
N ASP C 31 15.31 -7.94 19.40
CA ASP C 31 15.12 -8.33 18.00
C ASP C 31 13.80 -7.79 17.49
N GLU C 32 13.84 -6.57 16.96
CA GLU C 32 12.67 -5.82 16.55
C GLU C 32 13.12 -4.70 15.62
N TYR C 33 12.17 -4.18 14.81
CA TYR C 33 12.52 -3.21 13.80
C TYR C 33 11.26 -2.53 13.26
N ASP C 34 11.31 -1.20 13.12
CA ASP C 34 10.35 -0.48 12.28
C ASP C 34 11.16 0.30 11.26
N PRO C 35 11.24 -0.17 10.01
CA PRO C 35 12.07 0.52 9.01
C PRO C 35 11.47 1.83 8.55
N THR C 36 10.19 2.09 8.82
CA THR C 36 9.60 3.35 8.39
C THR C 36 10.03 4.50 9.27
N ILE C 37 10.70 4.23 10.37
CA ILE C 37 11.04 5.26 11.35
C ILE C 37 12.21 6.06 10.83
N GLU C 38 11.98 7.36 10.62
CA GLU C 38 13.01 8.36 10.39
C GLU C 38 14.28 7.98 11.12
N ASP C 39 15.34 7.75 10.35
CA ASP C 39 16.66 7.42 10.90
C ASP C 39 16.65 6.05 11.57
N SER C 40 16.03 5.08 10.90
N SER C 40 16.05 5.06 10.89
CA SER C 40 16.26 3.67 11.16
CA SER C 40 16.29 3.65 11.18
C SER C 40 17.45 3.13 10.38
C SER C 40 17.46 3.12 10.38
N TYR C 41 18.24 4.02 9.78
CA TYR C 41 19.36 3.67 8.92
C TYR C 41 20.52 4.62 9.18
N ARG C 42 20.47 5.35 10.30
CA ARG C 42 21.56 6.20 10.75
C ARG C 42 22.02 5.72 12.12
N LYS C 43 23.33 5.64 12.31
CA LYS C 43 23.87 5.13 13.57
C LYS C 43 25.19 5.82 13.86
N GLN C 44 25.28 6.40 15.04
CA GLN C 44 26.54 6.97 15.52
C GLN C 44 27.37 5.85 16.16
N VAL C 45 28.63 5.74 15.74
CA VAL C 45 29.53 4.70 16.18
C VAL C 45 30.91 5.29 16.44
N VAL C 46 31.73 4.53 17.18
CA VAL C 46 33.12 4.89 17.44
C VAL C 46 34.00 3.82 16.81
N ILE C 47 34.81 4.22 15.83
CA ILE C 47 35.67 3.31 15.09
C ILE C 47 37.11 3.77 15.28
N ASP C 48 37.94 2.92 15.89
CA ASP C 48 39.33 3.26 16.18
C ASP C 48 39.44 4.57 16.96
N GLY C 49 38.53 4.74 17.92
CA GLY C 49 38.53 5.90 18.78
C GLY C 49 37.97 7.18 18.17
N GLU C 50 37.49 7.14 16.94
CA GLU C 50 36.98 8.32 16.26
C GLU C 50 35.48 8.16 16.04
N THR C 51 34.70 9.07 16.61
CA THR C 51 33.24 9.00 16.49
C THR C 51 32.80 9.47 15.12
N CYS C 52 31.84 8.76 14.54
CA CYS C 52 31.30 9.14 13.24
C CYS C 52 29.86 8.68 13.14
N LEU C 53 29.20 9.13 12.07
CA LEU C 53 27.80 8.82 11.79
C LEU C 53 27.72 7.99 10.53
N LEU C 54 27.09 6.81 10.62
CA LEU C 54 26.87 5.98 9.45
C LEU C 54 25.47 6.22 8.90
N ASP C 55 25.38 6.54 7.62
CA ASP C 55 24.10 6.61 6.93
C ASP C 55 24.09 5.47 5.92
N ILE C 56 23.22 4.49 6.12
CA ILE C 56 23.27 3.26 5.34
C ILE C 56 22.06 3.20 4.42
N LEU C 57 22.33 3.02 3.13
CA LEU C 57 21.28 2.82 2.13
C LEU C 57 21.23 1.33 1.80
N ASP C 58 20.10 0.70 2.12
CA ASP C 58 19.86 -0.71 1.76
C ASP C 58 18.49 -0.76 1.10
N THR C 59 18.45 -0.90 -0.23
CA THR C 59 17.20 -0.93 -0.97
C THR C 59 16.68 -2.35 -1.15
N ALA C 60 17.04 -3.25 -0.25
CA ALA C 60 16.57 -4.64 -0.31
C ALA C 60 15.09 -4.68 -0.64
N GLY C 61 14.73 -5.54 -1.59
CA GLY C 61 13.37 -5.67 -2.07
C GLY C 61 13.11 -4.96 -3.39
N GLN C 62 13.97 -4.02 -3.77
CA GLN C 62 13.82 -3.27 -5.02
C GLN C 62 14.72 -3.78 -6.13
N GLU C 63 15.20 -5.02 -6.02
CA GLU C 63 16.19 -5.51 -6.99
C GLU C 63 15.65 -5.54 -8.41
N GLU C 64 14.34 -5.72 -8.58
CA GLU C 64 13.80 -5.75 -9.95
C GLU C 64 13.80 -4.38 -10.62
N TYR C 65 13.91 -3.28 -9.85
CA TYR C 65 14.09 -1.94 -10.43
C TYR C 65 15.56 -1.77 -10.87
N SER C 66 15.94 -2.56 -11.88
CA SER C 66 17.37 -2.62 -12.22
C SER C 66 17.88 -1.33 -12.85
N ALA C 67 17.02 -0.51 -13.43
CA ALA C 67 17.48 0.74 -14.00
C ALA C 67 17.63 1.85 -12.95
N MET C 68 17.31 1.57 -11.69
CA MET C 68 17.54 2.52 -10.62
C MET C 68 18.87 2.31 -9.89
N ARG C 69 19.61 1.24 -10.23
CA ARG C 69 20.84 0.95 -9.50
C ARG C 69 21.81 2.11 -9.55
N ASP C 70 21.98 2.73 -10.73
CA ASP C 70 22.91 3.85 -10.82
C ASP C 70 22.49 4.99 -9.90
N GLN C 71 21.21 5.36 -9.97
CA GLN C 71 20.62 6.39 -9.09
C GLN C 71 20.95 6.14 -7.62
N TYR C 72 20.73 4.91 -7.16
CA TYR C 72 20.99 4.59 -5.76
C TYR C 72 22.49 4.55 -5.47
N MET C 73 23.29 3.93 -6.35
CA MET C 73 24.72 3.76 -6.08
C MET C 73 25.45 5.10 -6.07
N ARG C 74 25.00 6.05 -6.89
CA ARG C 74 25.68 7.33 -7.02
C ARG C 74 25.82 8.03 -5.67
N THR C 75 24.88 7.76 -4.75
CA THR C 75 24.87 8.42 -3.45
C THR C 75 26.02 7.97 -2.53
N GLY C 76 26.67 6.85 -2.83
CA GLY C 76 27.52 6.20 -1.85
C GLY C 76 28.99 6.55 -1.92
N GLU C 77 29.63 6.60 -0.74
CA GLU C 77 31.07 6.71 -0.65
C GLU C 77 31.76 5.35 -0.51
N GLY C 78 31.07 4.37 0.04
CA GLY C 78 31.63 3.04 0.21
C GLY C 78 30.50 2.03 0.07
N PHE C 79 30.86 0.81 -0.34
CA PHE C 79 29.88 -0.19 -0.75
C PHE C 79 30.14 -1.52 -0.08
N LEU C 80 29.10 -2.14 0.45
CA LEU C 80 29.15 -3.53 0.87
C LEU C 80 28.54 -4.38 -0.24
N CYS C 81 29.34 -5.24 -0.87
CA CYS C 81 28.84 -6.14 -1.90
C CYS C 81 28.56 -7.50 -1.26
N VAL C 82 27.27 -7.86 -1.16
CA VAL C 82 26.83 -8.97 -0.32
C VAL C 82 26.37 -10.12 -1.20
N PHE C 83 26.82 -11.33 -0.89
CA PHE C 83 26.25 -12.55 -1.48
C PHE C 83 25.92 -13.51 -0.35
N ALA C 84 25.12 -14.52 -0.67
CA ALA C 84 24.74 -15.55 0.30
C ALA C 84 25.63 -16.77 0.10
N ILE C 85 26.17 -17.31 1.20
CA ILE C 85 27.12 -18.42 1.08
C ILE C 85 26.45 -19.72 0.65
N ASN C 86 25.12 -19.79 0.63
CA ASN C 86 24.44 -20.95 0.07
C ASN C 86 23.77 -20.67 -1.28
N ASN C 87 24.20 -19.61 -1.99
CA ASN C 87 23.61 -19.28 -3.29
C ASN C 87 24.73 -18.87 -4.23
N THR C 88 25.19 -19.83 -5.04
N THR C 88 25.20 -19.83 -5.05
CA THR C 88 26.32 -19.59 -5.94
CA THR C 88 26.32 -19.56 -5.92
C THR C 88 26.01 -18.47 -6.93
C THR C 88 26.02 -18.48 -6.95
N LYS C 89 24.78 -18.40 -7.44
CA LYS C 89 24.44 -17.34 -8.38
C LYS C 89 24.68 -15.96 -7.77
N SER C 90 24.30 -15.75 -6.51
CA SER C 90 24.54 -14.45 -5.87
C SER C 90 26.03 -14.13 -5.80
N PHE C 91 26.87 -15.15 -5.64
CA PHE C 91 28.32 -14.95 -5.64
C PHE C 91 28.82 -14.61 -7.05
N GLU C 92 28.30 -15.29 -8.06
CA GLU C 92 28.70 -14.99 -9.44
C GLU C 92 28.24 -13.60 -9.87
N ASP C 93 27.17 -13.07 -9.26
CA ASP C 93 26.71 -11.70 -9.56
C ASP C 93 27.69 -10.62 -9.10
N ILE C 94 28.64 -10.95 -8.21
CA ILE C 94 29.43 -9.89 -7.56
C ILE C 94 30.25 -9.12 -8.60
N HIS C 95 30.83 -9.82 -9.57
CA HIS C 95 31.68 -9.15 -10.56
C HIS C 95 30.94 -8.00 -11.23
N GLN C 96 29.68 -8.23 -11.63
CA GLN C 96 28.95 -7.17 -12.33
C GLN C 96 28.56 -6.03 -11.39
N TYR C 97 28.21 -6.34 -10.13
CA TYR C 97 27.96 -5.26 -9.18
C TYR C 97 29.18 -4.36 -9.05
N ARG C 98 30.37 -4.97 -8.91
CA ARG C 98 31.59 -4.18 -8.77
C ARG C 98 31.87 -3.35 -10.02
N GLU C 99 31.67 -3.95 -11.21
CA GLU C 99 31.87 -3.18 -12.44
C GLU C 99 30.91 -2.01 -12.51
N GLN C 100 29.68 -2.20 -12.04
CA GLN C 100 28.70 -1.12 -12.12
C GLN C 100 29.03 0.00 -11.14
N ILE C 101 29.52 -0.35 -9.94
CA ILE C 101 29.97 0.66 -8.98
C ILE C 101 31.12 1.48 -9.55
N LYS C 102 32.11 0.81 -10.14
CA LYS C 102 33.24 1.53 -10.72
C LYS C 102 32.77 2.49 -11.79
N ARG C 103 31.78 2.09 -12.57
CA ARG C 103 31.29 2.96 -13.64
C ARG C 103 30.53 4.17 -13.08
N VAL C 104 29.65 3.96 -12.10
N VAL C 104 29.65 3.93 -12.11
CA VAL C 104 28.88 5.10 -11.60
CA VAL C 104 28.86 5.04 -11.55
C VAL C 104 29.75 6.06 -10.80
C VAL C 104 29.77 6.04 -10.86
N LYS C 105 30.79 5.56 -10.14
CA LYS C 105 31.69 6.44 -9.40
C LYS C 105 32.81 6.97 -10.27
N ASP C 106 32.94 6.48 -11.50
CA ASP C 106 33.99 6.88 -12.43
C ASP C 106 35.37 6.74 -11.79
N SER C 107 35.61 5.56 -11.21
CA SER C 107 36.86 5.30 -10.50
C SER C 107 37.15 3.81 -10.53
N ASP C 108 38.44 3.47 -10.68
CA ASP C 108 38.86 2.08 -10.57
C ASP C 108 39.15 1.65 -9.14
N ASP C 109 39.06 2.59 -8.18
CA ASP C 109 39.47 2.35 -6.80
C ASP C 109 38.39 2.94 -5.89
N VAL C 110 37.27 2.25 -5.78
CA VAL C 110 36.14 2.68 -4.95
C VAL C 110 36.17 1.87 -3.65
N PRO C 111 36.05 2.50 -2.48
CA PRO C 111 36.04 1.74 -1.22
C PRO C 111 34.89 0.73 -1.19
N MET C 112 35.24 -0.54 -1.00
CA MET C 112 34.23 -1.57 -0.95
C MET C 112 34.75 -2.78 -0.20
N VAL C 113 33.81 -3.58 0.30
CA VAL C 113 34.12 -4.82 1.00
C VAL C 113 33.24 -5.89 0.40
N LEU C 114 33.75 -7.11 0.36
CA LEU C 114 32.97 -8.27 -0.05
C LEU C 114 32.44 -8.95 1.21
N VAL C 115 31.14 -9.24 1.24
CA VAL C 115 30.50 -9.82 2.43
C VAL C 115 29.81 -11.12 2.03
N GLY C 116 30.18 -12.22 2.69
CA GLY C 116 29.50 -13.48 2.52
C GLY C 116 28.58 -13.70 3.71
N ASN C 117 27.29 -13.83 3.43
CA ASN C 117 26.24 -13.80 4.44
C ASN C 117 25.65 -15.21 4.61
N LYS C 118 25.58 -15.68 5.85
N LYS C 118 25.61 -15.71 5.83
CA LYS C 118 24.96 -16.97 6.16
CA LYS C 118 24.96 -16.98 6.12
C LYS C 118 23.53 -16.69 6.60
C LYS C 118 23.54 -16.69 6.59
N CYS C 119 22.57 -16.94 5.70
CA CYS C 119 21.19 -16.56 5.96
C CYS C 119 20.33 -17.70 6.47
N ASP C 120 20.85 -18.93 6.49
CA ASP C 120 20.09 -20.05 7.05
C ASP C 120 21.02 -21.26 7.23
N LEU C 121 20.43 -22.40 7.54
CA LEU C 121 21.19 -23.61 7.78
C LEU C 121 21.30 -24.49 6.55
N ALA C 122 20.70 -24.07 5.43
CA ALA C 122 20.92 -24.77 4.17
C ALA C 122 22.42 -24.85 3.86
N ALA C 123 22.78 -25.86 3.08
CA ALA C 123 24.18 -26.20 2.90
C ALA C 123 24.94 -25.08 2.20
N ARG C 124 26.10 -24.73 2.75
CA ARG C 124 26.98 -23.78 2.10
C ARG C 124 27.42 -24.31 0.74
N THR C 125 27.38 -23.44 -0.29
CA THR C 125 27.88 -23.81 -1.61
C THR C 125 29.05 -22.96 -2.06
N VAL C 126 29.35 -21.86 -1.39
CA VAL C 126 30.51 -21.03 -1.70
C VAL C 126 31.47 -21.16 -0.53
N GLU C 127 32.63 -21.77 -0.75
CA GLU C 127 33.60 -21.95 0.32
C GLU C 127 34.35 -20.66 0.60
N SER C 128 34.78 -20.51 1.85
N SER C 128 34.82 -20.50 1.83
CA SER C 128 35.58 -19.37 2.28
CA SER C 128 35.50 -19.26 2.17
C SER C 128 36.70 -19.07 1.29
C SER C 128 36.74 -19.05 1.32
N ARG C 129 37.43 -20.12 0.90
CA ARG C 129 38.61 -19.93 0.07
C ARG C 129 38.25 -19.31 -1.29
N GLN C 130 37.13 -19.74 -1.89
CA GLN C 130 36.70 -19.14 -3.15
C GLN C 130 36.47 -17.65 -2.99
N ALA C 131 35.79 -17.25 -1.92
CA ALA C 131 35.47 -15.85 -1.70
C ALA C 131 36.72 -15.05 -1.35
N GLN C 132 37.63 -15.61 -0.55
CA GLN C 132 38.89 -14.93 -0.26
C GLN C 132 39.68 -14.70 -1.54
N ASP C 133 39.74 -15.71 -2.41
CA ASP C 133 40.47 -15.55 -3.66
C ASP C 133 39.85 -14.45 -4.51
N LEU C 134 38.52 -14.39 -4.58
CA LEU C 134 37.87 -13.33 -5.36
C LEU C 134 38.18 -11.95 -4.77
N ALA C 135 38.05 -11.81 -3.45
CA ALA C 135 38.36 -10.54 -2.81
C ALA C 135 39.81 -10.12 -3.05
N ARG C 136 40.75 -11.07 -2.95
CA ARG C 136 42.15 -10.73 -3.19
C ARG C 136 42.36 -10.31 -4.64
N SER C 137 41.66 -10.95 -5.58
CA SER C 137 41.83 -10.57 -6.98
C SER C 137 41.37 -9.14 -7.22
N TYR C 138 40.44 -8.64 -6.40
CA TYR C 138 39.94 -7.26 -6.46
C TYR C 138 40.72 -6.31 -5.56
N GLY C 139 41.54 -6.82 -4.65
CA GLY C 139 42.20 -5.95 -3.70
C GLY C 139 41.30 -5.38 -2.62
N ILE C 140 40.31 -6.14 -2.17
CA ILE C 140 39.36 -5.65 -1.16
C ILE C 140 39.24 -6.68 -0.05
N PRO C 141 38.80 -6.24 1.14
CA PRO C 141 38.60 -7.18 2.25
C PRO C 141 37.41 -8.10 2.03
N TYR C 142 37.45 -9.24 2.73
CA TYR C 142 36.34 -10.19 2.77
C TYR C 142 35.93 -10.39 4.21
N ILE C 143 34.62 -10.27 4.49
CA ILE C 143 34.07 -10.49 5.83
C ILE C 143 32.91 -11.47 5.68
N GLU C 144 32.83 -12.48 6.55
CA GLU C 144 31.65 -13.34 6.61
C GLU C 144 30.79 -12.98 7.81
N THR C 145 29.47 -13.03 7.62
CA THR C 145 28.52 -12.61 8.63
C THR C 145 27.43 -13.65 8.80
N SER C 146 26.82 -13.66 9.98
CA SER C 146 25.64 -14.47 10.23
C SER C 146 24.40 -13.59 10.27
N ALA C 147 23.35 -14.00 9.57
CA ALA C 147 22.08 -13.27 9.56
C ALA C 147 21.29 -13.46 10.84
N LYS C 148 21.75 -14.34 11.74
CA LYS C 148 21.00 -14.67 12.94
C LYS C 148 21.70 -14.35 14.25
N THR C 149 23.03 -14.43 14.31
CA THR C 149 23.77 -14.25 15.57
C THR C 149 24.46 -12.91 15.67
N ARG C 150 24.40 -12.08 14.64
CA ARG C 150 25.07 -10.79 14.51
C ARG C 150 26.58 -10.92 14.36
N GLN C 151 27.12 -12.15 14.29
CA GLN C 151 28.56 -12.31 14.11
C GLN C 151 28.99 -11.69 12.78
N GLY C 152 30.11 -10.96 12.83
CA GLY C 152 30.69 -10.36 11.63
C GLY C 152 30.07 -9.04 11.20
N VAL C 153 28.91 -8.67 11.74
CA VAL C 153 28.19 -7.52 11.22
C VAL C 153 28.96 -6.23 11.48
N GLU C 154 29.39 -6.01 12.73
N GLU C 154 29.37 -6.01 12.74
CA GLU C 154 30.17 -4.82 13.02
CA GLU C 154 30.18 -4.84 13.04
C GLU C 154 31.47 -4.81 12.23
C GLU C 154 31.45 -4.82 12.21
N ASP C 155 32.11 -5.97 12.09
CA ASP C 155 33.36 -6.05 11.32
C ASP C 155 33.13 -5.62 9.87
N ALA C 156 32.00 -6.00 9.27
CA ALA C 156 31.79 -5.64 7.87
C ALA C 156 31.71 -4.12 7.71
N PHE C 157 30.89 -3.46 8.52
CA PHE C 157 30.73 -2.01 8.38
C PHE C 157 31.98 -1.26 8.82
N TYR C 158 32.60 -1.66 9.93
CA TYR C 158 33.80 -0.96 10.39
C TYR C 158 34.95 -1.11 9.41
N THR C 159 35.10 -2.31 8.83
CA THR C 159 36.14 -2.51 7.82
C THR C 159 35.93 -1.58 6.64
N LEU C 160 34.68 -1.42 6.20
CA LEU C 160 34.40 -0.51 5.09
C LEU C 160 34.75 0.93 5.45
N VAL C 161 34.40 1.37 6.67
CA VAL C 161 34.77 2.73 7.07
C VAL C 161 36.28 2.90 7.05
N ARG C 162 37.02 1.89 7.51
CA ARG C 162 38.49 1.97 7.44
C ARG C 162 38.97 2.07 5.99
N GLU C 163 38.31 1.36 5.07
CA GLU C 163 38.66 1.48 3.66
C GLU C 163 38.44 2.90 3.15
N ILE C 164 37.36 3.55 3.59
CA ILE C 164 37.13 4.94 3.20
C ILE C 164 38.19 5.85 3.80
N ARG C 165 38.47 5.68 5.10
CA ARG C 165 39.43 6.54 5.78
C ARG C 165 40.82 6.43 5.18
N GLN C 166 41.20 5.25 4.68
CA GLN C 166 42.53 5.00 4.16
C GLN C 166 42.60 5.12 2.64
N HIS C 167 41.53 5.56 1.99
CA HIS C 167 41.53 5.65 0.53
C HIS C 167 42.60 6.60 0.02
#